data_4J0H
#
_entry.id   4J0H
#
_cell.length_a   47.551
_cell.length_b   62.960
_cell.length_c   84.474
_cell.angle_alpha   70.74
_cell.angle_beta   85.18
_cell.angle_gamma   79.55
#
_symmetry.space_group_name_H-M   'P 1'
#
loop_
_entity.id
_entity.type
_entity.pdbx_description
1 polymer Tannase
2 non-polymer '3,4,5-trihydroxybenzoic acid'
3 non-polymer 'TETRAETHYLENE GLYCOL'
4 non-polymer DI(HYDROXYETHYL)ETHER
5 water water
#
_entity_poly.entity_id   1
_entity_poly.type   'polypeptide(L)'
_entity_poly.pdbx_seq_one_letter_code
;MHHHHHHSSGVDLGTENLYFQSMSNRLIFDADWLVPEQVQVAGQAIQYYAARNIQYVQHPVAAIQVLNVFVPAAYLHGSS
VNGYQRATAPILMPNTVGGYLPGPADDPQRVTWPTNAGTIQQALKRGYVVVAAGIRGRTTVDKSGQRVGQAPAFIVDMKA
AIRYVKYNQGRLPGDANRIITNGTSAGGATSALAGASGNSAYFEPALTALGAAPATDDIFAVSAYCPIHNLEHADMAYEW
QFNGINDWHRYQPVAGTTKNGRPKFEPVSGQLTVEEQALSLALKAQFSTYLNQLKLTASDGTHLTLNEAGMGSFRDVVRQ
LLISSAQTAFDQGTDIHKYAGFVVTGNQVTDLDLSAYLKSLTRMKAVPAFDQLDLTSPENNLFGDATAKAKHFTALAQTR
STVTAQLADAELIQAINPLSYLTTTSSQVAKHWRIRHGAADRDTSFAIPIILAIMLENHGYGIDFALPWDIPHSGDYDLG
DLFSWIDGLCQ
;
_entity_poly.pdbx_strand_id   A,B
#
loop_
_chem_comp.id
_chem_comp.type
_chem_comp.name
_chem_comp.formula
GDE non-polymer '3,4,5-trihydroxybenzoic acid' 'C7 H6 O5'
PEG non-polymer DI(HYDROXYETHYL)ETHER 'C4 H10 O3'
PG4 non-polymer 'TETRAETHYLENE GLYCOL' 'C8 H18 O5'
#
# COMPACT_ATOMS: atom_id res chain seq x y z
N SER A 22 -25.46 -11.13 44.34
CA SER A 22 -25.47 -12.57 44.59
C SER A 22 -26.56 -13.24 43.74
N MET A 23 -26.70 -14.55 43.89
CA MET A 23 -27.71 -15.27 43.13
C MET A 23 -29.12 -15.04 43.66
N SER A 24 -29.21 -14.31 44.77
CA SER A 24 -30.51 -13.90 45.30
C SER A 24 -31.12 -12.86 44.37
N ASN A 25 -30.27 -12.16 43.63
CA ASN A 25 -30.76 -11.27 42.59
C ASN A 25 -31.20 -12.09 41.38
N ARG A 26 -32.51 -12.27 41.25
CA ARG A 26 -33.09 -13.11 40.20
C ARG A 26 -33.11 -12.42 38.85
N LEU A 27 -32.78 -11.13 38.84
CA LEU A 27 -32.77 -10.36 37.60
C LEU A 27 -34.14 -10.36 36.94
N ILE A 28 -35.18 -10.34 37.77
CA ILE A 28 -36.56 -10.30 37.30
C ILE A 28 -37.12 -8.90 37.48
N PHE A 29 -37.45 -8.25 36.38
CA PHE A 29 -38.05 -6.93 36.42
C PHE A 29 -39.49 -7.04 36.90
N ASP A 30 -39.90 -6.10 37.76
CA ASP A 30 -41.28 -6.07 38.23
C ASP A 30 -41.87 -4.71 37.87
N ALA A 31 -42.93 -4.71 37.05
CA ALA A 31 -43.58 -3.46 36.66
C ALA A 31 -44.10 -2.67 37.87
N ASP A 32 -44.28 -3.36 38.98
CA ASP A 32 -44.73 -2.70 40.22
C ASP A 32 -43.72 -1.68 40.74
N TRP A 33 -42.48 -1.76 40.27
CA TRP A 33 -41.43 -0.82 40.65
C TRP A 33 -41.61 0.56 40.00
N LEU A 34 -42.40 0.60 38.94
CA LEU A 34 -42.51 1.82 38.14
C LEU A 34 -43.34 2.86 38.88
N VAL A 35 -42.80 4.08 38.99
CA VAL A 35 -43.49 5.18 39.67
C VAL A 35 -43.68 6.39 38.75
N PRO A 36 -44.76 7.14 38.94
CA PRO A 36 -45.11 8.19 37.97
C PRO A 36 -44.29 9.47 38.10
N GLU A 37 -43.87 9.99 36.95
CA GLU A 37 -43.13 11.24 36.90
C GLU A 37 -43.54 12.01 35.65
N GLN A 38 -43.02 13.23 35.51
CA GLN A 38 -43.24 13.96 34.28
C GLN A 38 -42.15 14.99 34.02
N VAL A 39 -42.03 15.37 32.76
CA VAL A 39 -40.97 16.28 32.34
C VAL A 39 -41.49 17.11 31.16
N GLN A 40 -41.07 18.37 31.11
CA GLN A 40 -41.49 19.26 30.03
C GLN A 40 -40.66 19.01 28.79
N VAL A 41 -41.35 18.87 27.66
CA VAL A 41 -40.68 18.79 26.37
C VAL A 41 -41.41 19.72 25.42
N ALA A 42 -40.67 20.65 24.81
CA ALA A 42 -41.29 21.63 23.92
C ALA A 42 -42.54 22.25 24.54
N GLY A 43 -42.46 22.59 25.82
CA GLY A 43 -43.52 23.33 26.48
C GLY A 43 -44.78 22.53 26.80
N GLN A 44 -44.67 21.22 26.72
CA GLN A 44 -45.79 20.35 27.12
C GLN A 44 -45.33 19.25 28.08
N ALA A 45 -46.23 18.82 28.95
CA ALA A 45 -45.89 17.79 29.92
C ALA A 45 -45.83 16.42 29.24
N ILE A 46 -44.73 15.71 29.48
CA ILE A 46 -44.62 14.34 29.03
C ILE A 46 -44.65 13.45 30.27
N GLN A 47 -45.68 12.63 30.38
CA GLN A 47 -45.82 11.73 31.53
C GLN A 47 -45.18 10.36 31.26
N TYR A 48 -44.52 9.83 32.28
CA TYR A 48 -43.79 8.58 32.15
C TYR A 48 -43.69 7.92 33.51
N TYR A 49 -43.19 6.68 33.54
CA TYR A 49 -42.94 6.00 34.80
C TYR A 49 -41.48 5.63 34.83
N ALA A 50 -40.92 5.56 36.03
CA ALA A 50 -39.49 5.32 36.22
C ALA A 50 -39.25 4.19 37.18
N ALA A 51 -38.20 3.41 36.93
CA ALA A 51 -37.67 2.47 37.90
C ALA A 51 -36.16 2.60 37.80
N ARG A 52 -35.52 3.02 38.90
CA ARG A 52 -34.09 3.31 38.88
C ARG A 52 -33.23 2.32 39.66
N ASN A 53 -31.92 2.34 39.38
CA ASN A 53 -30.94 1.63 40.19
C ASN A 53 -31.14 0.12 40.21
N ILE A 54 -31.46 -0.44 39.05
CA ILE A 54 -31.64 -1.88 38.95
C ILE A 54 -30.30 -2.56 38.74
N GLN A 55 -29.95 -3.48 39.64
CA GLN A 55 -28.74 -4.26 39.47
C GLN A 55 -28.97 -5.28 38.36
N TYR A 56 -28.31 -5.08 37.21
CA TYR A 56 -28.61 -5.91 36.04
C TYR A 56 -27.73 -7.15 35.88
N VAL A 57 -26.75 -7.31 36.75
CA VAL A 57 -26.04 -8.59 36.84
C VAL A 57 -26.01 -9.09 38.28
N GLN A 58 -25.74 -10.38 38.47
CA GLN A 58 -25.74 -10.93 39.83
C GLN A 58 -24.46 -10.61 40.58
N HIS A 59 -23.34 -10.49 39.86
CA HIS A 59 -22.05 -10.29 40.51
C HIS A 59 -21.31 -9.03 40.03
N PRO A 60 -21.91 -7.85 40.27
CA PRO A 60 -21.30 -6.59 39.82
C PRO A 60 -19.97 -6.33 40.53
N VAL A 61 -19.06 -5.65 39.84
CA VAL A 61 -17.78 -5.31 40.45
C VAL A 61 -17.63 -3.81 40.65
N ALA A 62 -18.63 -3.06 40.19
CA ALA A 62 -18.60 -1.60 40.30
C ALA A 62 -20.00 -1.06 40.52
N ALA A 63 -20.11 -0.02 41.35
CA ALA A 63 -21.39 0.56 41.69
C ALA A 63 -22.12 1.15 40.46
N ILE A 64 -21.38 1.50 39.43
CA ILE A 64 -21.96 2.09 38.23
C ILE A 64 -22.83 1.08 37.45
N GLN A 65 -22.68 -0.20 37.73
CA GLN A 65 -23.38 -1.23 36.96
C GLN A 65 -24.83 -1.41 37.38
N VAL A 66 -25.61 -0.36 37.19
CA VAL A 66 -27.06 -0.42 37.39
C VAL A 66 -27.73 0.22 36.17
N LEU A 67 -29.01 -0.01 36.00
CA LEU A 67 -29.72 0.59 34.87
C LEU A 67 -31.04 1.20 35.31
N ASN A 68 -31.52 2.16 34.51
CA ASN A 68 -32.80 2.82 34.76
C ASN A 68 -33.76 2.51 33.63
N VAL A 69 -35.04 2.40 33.97
CA VAL A 69 -36.08 2.11 33.00
C VAL A 69 -37.13 3.22 33.06
N PHE A 70 -37.47 3.76 31.89
CA PHE A 70 -38.44 4.84 31.76
C PHE A 70 -39.47 4.47 30.70
N VAL A 71 -40.75 4.60 31.04
CA VAL A 71 -41.82 4.10 30.20
C VAL A 71 -42.88 5.18 30.00
N PRO A 72 -43.25 5.45 28.73
CA PRO A 72 -44.34 6.39 28.47
C PRO A 72 -45.57 6.01 29.29
N ALA A 73 -46.21 7.00 29.91
CA ALA A 73 -47.27 6.72 30.87
C ALA A 73 -48.43 5.93 30.26
N ALA A 74 -48.76 6.21 29.00
CA ALA A 74 -49.84 5.48 28.31
C ALA A 74 -49.70 3.96 28.45
N TYR A 75 -48.48 3.46 28.50
CA TYR A 75 -48.29 2.01 28.48
C TYR A 75 -48.65 1.36 29.80
N LEU A 76 -48.81 2.17 30.85
CA LEU A 76 -49.30 1.63 32.11
C LEU A 76 -50.79 1.80 32.26
N HIS A 77 -51.43 2.33 31.21
CA HIS A 77 -52.86 2.55 31.23
C HIS A 77 -53.54 2.02 29.99
N GLY A 78 -52.90 1.07 29.32
CA GLY A 78 -53.49 0.39 28.17
C GLY A 78 -53.80 1.29 26.98
N SER A 79 -52.92 2.26 26.72
CA SER A 79 -53.13 3.17 25.60
C SER A 79 -51.90 3.28 24.70
N SER A 80 -51.99 4.13 23.68
CA SER A 80 -50.99 4.17 22.62
C SER A 80 -50.23 5.49 22.57
N VAL A 81 -48.98 5.44 22.11
CA VAL A 81 -48.22 6.65 21.80
C VAL A 81 -47.59 6.54 20.42
N ASN A 82 -47.89 7.48 19.53
CA ASN A 82 -47.18 7.55 18.26
C ASN A 82 -47.22 6.20 17.55
N GLY A 83 -48.36 5.52 17.64
CA GLY A 83 -48.55 4.26 16.93
C GLY A 83 -48.02 3.03 17.65
N TYR A 84 -47.51 3.22 18.86
CA TYR A 84 -46.99 2.10 19.64
C TYR A 84 -47.83 1.83 20.87
N GLN A 85 -47.76 0.58 21.35
CA GLN A 85 -48.42 0.15 22.58
C GLN A 85 -47.39 -0.49 23.53
N ARG A 86 -47.82 -0.83 24.74
CA ARG A 86 -46.92 -1.48 25.69
C ARG A 86 -46.10 -2.60 25.06
N ALA A 87 -46.76 -3.47 24.31
CA ALA A 87 -46.11 -4.67 23.79
C ALA A 87 -45.20 -4.42 22.60
N THR A 88 -45.39 -3.29 21.90
CA THR A 88 -44.71 -3.08 20.62
C THR A 88 -43.72 -1.91 20.58
N ALA A 89 -43.69 -1.07 21.61
CA ALA A 89 -42.83 0.11 21.57
C ALA A 89 -41.35 -0.28 21.42
N PRO A 90 -40.60 0.48 20.61
CA PRO A 90 -39.16 0.27 20.50
C PRO A 90 -38.51 0.48 21.85
N ILE A 91 -37.40 -0.18 22.11
CA ILE A 91 -36.66 0.03 23.34
C ILE A 91 -35.34 0.68 23.02
N LEU A 92 -35.24 1.97 23.34
CA LEU A 92 -34.04 2.75 23.06
C LEU A 92 -33.05 2.51 24.18
N MET A 93 -31.82 2.15 23.84
CA MET A 93 -30.79 1.92 24.84
C MET A 93 -29.60 2.83 24.62
N PRO A 94 -29.71 4.07 25.10
CA PRO A 94 -28.64 5.04 24.95
C PRO A 94 -27.60 4.82 26.03
N ASN A 95 -26.38 5.29 25.79
CA ASN A 95 -25.35 5.24 26.80
C ASN A 95 -24.70 6.60 26.91
N THR A 96 -24.01 6.82 28.05
CA THR A 96 -23.36 8.09 28.31
C THR A 96 -21.85 7.99 28.22
N VAL A 97 -21.36 6.95 27.53
CA VAL A 97 -19.92 6.77 27.41
C VAL A 97 -19.26 7.84 26.54
N GLY A 98 -18.24 8.47 27.10
CA GLY A 98 -17.40 9.40 26.35
C GLY A 98 -15.95 9.17 26.74
N GLY A 99 -15.03 9.28 25.78
CA GLY A 99 -13.61 9.12 26.02
C GLY A 99 -13.25 7.76 26.59
N TYR A 100 -14.15 6.79 26.40
CA TYR A 100 -13.99 5.46 26.99
C TYR A 100 -13.93 5.52 28.51
N LEU A 101 -14.54 6.55 29.06
CA LEU A 101 -14.66 6.71 30.50
C LEU A 101 -15.95 6.05 30.96
N PRO A 102 -16.14 5.92 32.29
CA PRO A 102 -17.41 5.38 32.79
C PRO A 102 -18.59 6.21 32.32
N GLY A 103 -19.71 5.55 32.01
CA GLY A 103 -20.90 6.27 31.63
C GLY A 103 -22.07 5.93 32.54
N PRO A 104 -22.40 6.85 33.47
CA PRO A 104 -23.45 6.53 34.45
C PRO A 104 -24.80 6.31 33.80
N ALA A 105 -25.66 5.55 34.48
CA ALA A 105 -27.04 5.35 34.05
C ALA A 105 -27.72 6.71 33.93
N ASP A 106 -28.36 6.94 32.77
CA ASP A 106 -28.93 8.25 32.45
C ASP A 106 -30.39 8.33 32.92
N ASP A 107 -30.99 9.51 32.76
CA ASP A 107 -32.23 9.84 33.47
C ASP A 107 -32.78 11.13 32.85
N PRO A 108 -34.07 11.14 32.50
CA PRO A 108 -34.61 12.37 31.89
C PRO A 108 -34.53 13.56 32.86
N GLN A 109 -34.34 13.28 34.14
CA GLN A 109 -34.21 14.32 35.16
C GLN A 109 -32.75 14.65 35.48
N ARG A 110 -31.82 13.91 34.89
CA ARG A 110 -30.40 14.08 35.20
C ARG A 110 -29.90 15.44 34.69
N VAL A 111 -29.14 16.14 35.51
CA VAL A 111 -28.53 17.38 35.07
C VAL A 111 -27.00 17.29 35.14
N THR A 112 -26.51 16.28 35.85
CA THR A 112 -25.07 16.11 36.04
C THR A 112 -24.40 15.56 34.79
N TRP A 113 -23.20 16.04 34.50
CA TRP A 113 -22.43 15.55 33.37
C TRP A 113 -21.82 14.19 33.71
N PRO A 114 -21.82 13.26 32.73
CA PRO A 114 -22.37 13.42 31.40
C PRO A 114 -23.83 12.97 31.38
N THR A 115 -24.63 13.52 30.48
CA THR A 115 -26.03 13.14 30.35
C THR A 115 -26.57 13.48 28.97
N ASN A 116 -27.50 12.66 28.48
CA ASN A 116 -28.31 12.96 27.31
C ASN A 116 -29.78 12.98 27.72
N ALA A 117 -30.04 13.61 28.86
CA ALA A 117 -31.39 13.64 29.42
C ALA A 117 -32.42 14.15 28.42
N GLY A 118 -32.05 15.20 27.69
CA GLY A 118 -32.92 15.77 26.67
C GLY A 118 -33.38 14.72 25.68
N THR A 119 -32.44 13.89 25.22
CA THR A 119 -32.77 12.84 24.28
C THR A 119 -33.76 11.83 24.88
N ILE A 120 -33.59 11.50 26.15
CA ILE A 120 -34.52 10.57 26.79
C ILE A 120 -35.93 11.18 26.84
N GLN A 121 -35.98 12.45 27.17
CA GLN A 121 -37.27 13.14 27.23
C GLN A 121 -37.98 13.08 25.88
N GLN A 122 -37.22 13.37 24.81
CA GLN A 122 -37.78 13.37 23.47
C GLN A 122 -38.18 11.96 23.05
N ALA A 123 -37.38 10.98 23.44
CA ALA A 123 -37.68 9.58 23.14
C ALA A 123 -39.00 9.17 23.79
N LEU A 124 -39.22 9.59 25.02
CA LEU A 124 -40.45 9.22 25.71
C LEU A 124 -41.66 9.84 25.02
N LYS A 125 -41.51 11.09 24.61
CA LYS A 125 -42.57 11.78 23.87
C LYS A 125 -42.89 11.00 22.60
N ARG A 126 -41.86 10.41 22.01
CA ARG A 126 -42.00 9.66 20.77
C ARG A 126 -42.62 8.28 20.98
N GLY A 127 -42.77 7.87 22.24
CA GLY A 127 -43.36 6.58 22.56
C GLY A 127 -42.38 5.45 22.78
N TYR A 128 -41.09 5.77 22.89
CA TYR A 128 -40.08 4.74 23.12
C TYR A 128 -39.93 4.45 24.61
N VAL A 129 -39.80 3.17 24.95
CA VAL A 129 -39.32 2.78 26.27
C VAL A 129 -37.82 3.04 26.24
N VAL A 130 -37.29 3.58 27.32
CA VAL A 130 -35.85 3.85 27.39
C VAL A 130 -35.21 3.08 28.54
N VAL A 131 -34.18 2.29 28.22
CA VAL A 131 -33.44 1.58 29.24
C VAL A 131 -32.02 2.12 29.18
N ALA A 132 -31.64 2.85 30.22
CA ALA A 132 -30.35 3.54 30.26
C ALA A 132 -29.42 2.87 31.25
N ALA A 133 -28.43 2.16 30.73
CA ALA A 133 -27.55 1.38 31.58
C ALA A 133 -26.29 2.15 31.92
N GLY A 134 -25.82 1.98 33.15
CA GLY A 134 -24.52 2.49 33.54
C GLY A 134 -23.45 1.52 33.05
N ILE A 135 -22.34 2.06 32.59
CA ILE A 135 -21.31 1.25 31.95
C ILE A 135 -19.93 1.62 32.50
N ARG A 136 -19.18 0.61 32.91
CA ARG A 136 -17.83 0.83 33.43
C ARG A 136 -16.94 1.46 32.36
N GLY A 137 -15.91 2.20 32.81
CA GLY A 137 -14.95 2.79 31.89
C GLY A 137 -13.53 2.64 32.40
N ARG A 138 -12.57 3.22 31.67
CA ARG A 138 -11.16 2.95 31.90
C ARG A 138 -10.64 3.41 33.26
N THR A 139 -11.37 4.29 33.93
CA THR A 139 -10.97 4.80 35.24
C THR A 139 -11.73 4.11 36.38
N THR A 140 -12.65 3.22 36.04
CA THR A 140 -13.44 2.54 37.06
C THR A 140 -12.59 1.62 37.94
N VAL A 141 -12.67 1.81 39.26
CA VAL A 141 -11.98 0.94 40.19
C VAL A 141 -12.96 0.28 41.15
N ASP A 142 -12.63 -0.92 41.64
CA ASP A 142 -13.51 -1.61 42.58
C ASP A 142 -13.31 -1.11 44.01
N LYS A 143 -14.04 -1.71 44.94
CA LYS A 143 -13.98 -1.32 46.33
C LYS A 143 -12.56 -1.33 46.89
N SER A 144 -11.68 -2.11 46.28
CA SER A 144 -10.29 -2.20 46.73
C SER A 144 -9.33 -1.29 45.94
N GLY A 145 -9.86 -0.51 45.02
CA GLY A 145 -9.05 0.43 44.25
C GLY A 145 -8.38 -0.17 43.03
N GLN A 146 -8.76 -1.39 42.70
CA GLN A 146 -8.23 -2.05 41.51
C GLN A 146 -9.00 -1.64 40.26
N ARG A 147 -8.30 -1.51 39.14
CA ARG A 147 -8.94 -1.14 37.89
C ARG A 147 -9.80 -2.29 37.35
N VAL A 148 -11.08 -2.03 37.12
CA VAL A 148 -11.98 -3.08 36.63
C VAL A 148 -12.85 -2.65 35.45
N GLY A 149 -12.48 -1.56 34.77
CA GLY A 149 -13.29 -1.05 33.68
C GLY A 149 -12.57 -0.83 32.35
N GLN A 150 -11.37 -1.39 32.23
CA GLN A 150 -10.64 -1.30 30.96
C GLN A 150 -11.19 -2.34 29.98
N ALA A 151 -10.79 -2.28 28.71
CA ALA A 151 -11.37 -3.17 27.70
C ALA A 151 -11.31 -4.62 28.14
N PRO A 152 -12.38 -5.39 27.88
CA PRO A 152 -13.59 -5.00 27.14
C PRO A 152 -14.78 -4.71 28.06
N ALA A 153 -14.51 -4.13 29.23
CA ALA A 153 -15.58 -3.91 30.21
C ALA A 153 -16.77 -3.14 29.64
N PHE A 154 -16.49 -2.11 28.84
CA PHE A 154 -17.58 -1.27 28.34
C PHE A 154 -18.61 -2.09 27.58
N ILE A 155 -18.15 -2.96 26.70
CA ILE A 155 -19.06 -3.70 25.84
C ILE A 155 -19.70 -4.88 26.58
N VAL A 156 -18.99 -5.43 27.56
CA VAL A 156 -19.54 -6.48 28.43
C VAL A 156 -20.77 -5.94 29.17
N ASP A 157 -20.62 -4.74 29.72
CA ASP A 157 -21.72 -4.12 30.46
C ASP A 157 -22.91 -3.82 29.54
N MET A 158 -22.63 -3.27 28.36
CA MET A 158 -23.69 -3.01 27.41
C MET A 158 -24.43 -4.31 27.08
N LYS A 159 -23.68 -5.38 26.81
CA LYS A 159 -24.30 -6.68 26.53
C LYS A 159 -25.08 -7.24 27.73
N ALA A 160 -24.56 -7.04 28.93
CA ALA A 160 -25.26 -7.51 30.13
C ALA A 160 -26.61 -6.80 30.27
N ALA A 161 -26.64 -5.51 29.97
CA ALA A 161 -27.89 -4.76 30.08
C ALA A 161 -28.86 -5.21 29.00
N ILE A 162 -28.35 -5.46 27.81
CA ILE A 162 -29.20 -5.95 26.73
C ILE A 162 -29.78 -7.30 27.13
N ARG A 163 -28.96 -8.16 27.70
CA ARG A 163 -29.44 -9.47 28.16
C ARG A 163 -30.50 -9.34 29.24
N TYR A 164 -30.30 -8.39 30.16
CA TYR A 164 -31.30 -8.14 31.18
C TYR A 164 -32.63 -7.78 30.53
N VAL A 165 -32.59 -6.91 29.52
CA VAL A 165 -33.80 -6.48 28.84
C VAL A 165 -34.49 -7.63 28.13
N LYS A 166 -33.72 -8.40 27.35
CA LYS A 166 -34.28 -9.50 26.57
C LYS A 166 -34.77 -10.67 27.44
N TYR A 167 -34.05 -10.94 28.52
CA TYR A 167 -34.50 -11.90 29.51
C TYR A 167 -35.87 -11.52 30.09
N ASN A 168 -36.09 -10.20 30.21
CA ASN A 168 -37.32 -9.67 30.79
C ASN A 168 -38.37 -9.24 29.79
N GLN A 169 -38.29 -9.78 28.59
CA GLN A 169 -39.30 -9.51 27.57
C GLN A 169 -40.69 -9.75 28.15
N GLY A 170 -41.61 -8.83 27.89
CA GLY A 170 -42.97 -8.99 28.39
C GLY A 170 -43.16 -8.37 29.76
N ARG A 171 -42.26 -8.66 30.70
CA ARG A 171 -42.30 -8.05 32.02
C ARG A 171 -41.98 -6.58 31.95
N LEU A 172 -40.89 -6.28 31.24
CA LEU A 172 -40.49 -4.92 30.95
C LEU A 172 -41.35 -4.45 29.78
N PRO A 173 -41.95 -3.25 29.88
CA PRO A 173 -42.71 -2.71 28.74
C PRO A 173 -41.80 -2.56 27.52
N GLY A 174 -42.39 -2.62 26.33
CA GLY A 174 -41.64 -2.45 25.10
C GLY A 174 -41.34 -3.78 24.44
N ASP A 175 -40.91 -3.72 23.19
CA ASP A 175 -40.61 -4.93 22.41
C ASP A 175 -39.12 -5.22 22.48
N ALA A 176 -38.76 -6.34 23.13
CA ALA A 176 -37.36 -6.68 23.33
C ALA A 176 -36.70 -7.08 22.02
N ASN A 177 -37.51 -7.26 20.97
CA ASN A 177 -37.00 -7.56 19.64
C ASN A 177 -36.83 -6.30 18.81
N ARG A 178 -36.99 -5.15 19.48
CA ARG A 178 -36.85 -3.86 18.83
C ARG A 178 -35.94 -2.97 19.68
N ILE A 179 -34.82 -3.53 20.12
CA ILE A 179 -33.82 -2.75 20.84
C ILE A 179 -32.97 -1.95 19.87
N ILE A 180 -32.86 -0.65 20.13
CA ILE A 180 -32.05 0.23 19.32
C ILE A 180 -31.05 0.94 20.23
N THR A 181 -29.77 0.67 20.04
CA THR A 181 -28.76 1.33 20.86
C THR A 181 -28.45 2.70 20.27
N ASN A 182 -27.98 3.60 21.13
CA ASN A 182 -27.58 4.91 20.69
C ASN A 182 -26.41 5.39 21.52
N GLY A 183 -25.52 6.15 20.91
CA GLY A 183 -24.40 6.69 21.64
C GLY A 183 -23.55 7.61 20.80
N THR A 184 -22.73 8.42 21.47
CA THR A 184 -21.88 9.38 20.79
C THR A 184 -20.40 9.12 21.06
N SER A 185 -19.60 9.15 19.99
CA SER A 185 -18.14 9.04 20.07
CA SER A 185 -18.14 9.03 20.07
C SER A 185 -17.69 7.68 20.59
N ALA A 186 -17.10 7.63 21.78
CA ALA A 186 -16.76 6.32 22.33
C ALA A 186 -18.08 5.56 22.55
N GLY A 187 -19.12 6.30 22.89
CA GLY A 187 -20.44 5.72 23.09
C GLY A 187 -21.04 5.27 21.77
N GLY A 188 -20.66 5.95 20.69
CA GLY A 188 -21.05 5.54 19.35
C GLY A 188 -20.36 4.23 18.95
N ALA A 189 -19.10 4.08 19.36
CA ALA A 189 -18.41 2.81 19.14
C ALA A 189 -19.09 1.69 19.94
N THR A 190 -19.53 2.02 21.14
CA THR A 190 -20.20 1.06 22.00
C THR A 190 -21.48 0.58 21.33
N SER A 191 -22.25 1.52 20.80
CA SER A 191 -23.51 1.20 20.14
C SER A 191 -23.24 0.34 18.92
N ALA A 192 -22.28 0.76 18.11
CA ALA A 192 -21.92 0.02 16.90
C ALA A 192 -21.42 -1.39 17.23
N LEU A 193 -20.64 -1.51 18.29
CA LEU A 193 -20.06 -2.81 18.65
C LEU A 193 -21.17 -3.76 19.08
N ALA A 194 -22.12 -3.23 19.85
CA ALA A 194 -23.25 -4.02 20.31
C ALA A 194 -24.02 -4.55 19.10
N GLY A 195 -24.21 -3.69 18.12
CA GLY A 195 -24.91 -4.09 16.90
C GLY A 195 -24.14 -5.12 16.10
N ALA A 196 -22.83 -4.99 16.06
CA ALA A 196 -22.00 -5.85 15.22
C ALA A 196 -21.72 -7.22 15.83
N SER A 197 -21.65 -7.28 17.15
CA SER A 197 -21.12 -8.46 17.83
C SER A 197 -22.16 -9.35 18.52
N GLY A 198 -23.42 -9.28 18.09
CA GLY A 198 -24.48 -10.02 18.77
C GLY A 198 -24.16 -11.48 19.03
N ASN A 199 -24.20 -11.89 20.30
CA ASN A 199 -24.02 -13.29 20.67
C ASN A 199 -22.65 -13.85 20.29
N SER A 200 -21.63 -12.99 20.28
CA SER A 200 -20.26 -13.44 20.10
C SER A 200 -19.77 -14.28 21.27
N ALA A 201 -19.11 -15.40 20.97
CA ALA A 201 -18.61 -16.28 22.02
C ALA A 201 -17.47 -15.66 22.80
N TYR A 202 -16.86 -14.61 22.25
CA TYR A 202 -15.70 -13.98 22.90
C TYR A 202 -16.05 -13.42 24.29
N PHE A 203 -17.26 -12.89 24.43
CA PHE A 203 -17.67 -12.22 25.66
C PHE A 203 -18.35 -13.14 26.68
N GLU A 204 -18.57 -14.38 26.30
CA GLU A 204 -19.29 -15.31 27.17
C GLU A 204 -18.63 -15.50 28.54
N PRO A 205 -17.29 -15.69 28.57
CA PRO A 205 -16.62 -15.84 29.87
C PRO A 205 -16.86 -14.65 30.81
N ALA A 206 -16.71 -13.44 30.28
CA ALA A 206 -16.88 -12.21 31.07
C ALA A 206 -18.31 -12.08 31.58
N LEU A 207 -19.26 -12.42 30.73
CA LEU A 207 -20.68 -12.29 31.10
C LEU A 207 -21.05 -13.33 32.15
N THR A 208 -20.51 -14.53 32.01
CA THR A 208 -20.72 -15.57 33.00
C THR A 208 -20.18 -15.16 34.36
N ALA A 209 -18.97 -14.59 34.36
CA ALA A 209 -18.33 -14.12 35.59
C ALA A 209 -19.15 -13.03 36.30
N LEU A 210 -19.85 -12.21 35.51
CA LEU A 210 -20.70 -11.17 36.09
C LEU A 210 -22.03 -11.73 36.56
N GLY A 211 -22.39 -12.92 36.07
CA GLY A 211 -23.71 -13.46 36.33
C GLY A 211 -24.76 -12.63 35.62
N ALA A 212 -24.56 -12.39 34.33
CA ALA A 212 -25.56 -11.71 33.51
C ALA A 212 -26.75 -12.62 33.27
N ALA A 213 -27.89 -12.05 32.90
CA ALA A 213 -29.09 -12.81 32.61
C ALA A 213 -28.90 -13.79 31.45
N PRO A 214 -29.60 -14.94 31.51
CA PRO A 214 -29.51 -15.99 30.48
C PRO A 214 -30.39 -15.65 29.29
N ALA A 215 -29.86 -14.82 28.39
CA ALA A 215 -30.58 -14.40 27.22
C ALA A 215 -29.57 -13.97 26.17
N THR A 216 -30.05 -13.73 24.96
CA THR A 216 -29.20 -13.28 23.86
C THR A 216 -28.92 -11.80 23.98
N ASP A 217 -27.95 -11.29 23.22
CA ASP A 217 -27.64 -9.86 23.25
C ASP A 217 -27.54 -9.22 21.86
N ASP A 218 -28.08 -9.90 20.85
CA ASP A 218 -28.18 -9.30 19.53
C ASP A 218 -29.31 -8.28 19.54
N ILE A 219 -29.16 -7.19 18.80
CA ILE A 219 -30.16 -6.13 18.84
C ILE A 219 -30.76 -5.87 17.47
N PHE A 220 -31.78 -5.01 17.43
CA PHE A 220 -32.55 -4.76 16.23
C PHE A 220 -31.93 -3.69 15.33
N ALA A 221 -31.49 -2.58 15.90
CA ALA A 221 -30.90 -1.51 15.11
C ALA A 221 -29.82 -0.73 15.87
N VAL A 222 -28.98 -0.04 15.12
CA VAL A 222 -27.90 0.76 15.69
C VAL A 222 -28.00 2.22 15.27
N SER A 223 -27.99 3.11 16.27
CA SER A 223 -27.71 4.52 16.03
C SER A 223 -26.33 4.86 16.58
N ALA A 224 -25.49 5.47 15.77
CA ALA A 224 -24.16 5.86 16.26
C ALA A 224 -23.71 7.21 15.73
N TYR A 225 -23.34 8.09 16.65
CA TYR A 225 -22.76 9.38 16.29
C TYR A 225 -21.26 9.32 16.45
N CYS A 226 -20.56 9.77 15.42
CA CYS A 226 -19.09 9.78 15.38
C CYS A 226 -18.38 8.66 16.16
N PRO A 227 -18.72 7.39 15.86
CA PRO A 227 -18.14 6.25 16.58
C PRO A 227 -16.61 6.22 16.48
N ILE A 228 -15.95 6.35 17.62
CA ILE A 228 -14.49 6.33 17.67
C ILE A 228 -14.06 4.87 17.81
N HIS A 229 -13.82 4.24 16.65
CA HIS A 229 -13.63 2.80 16.57
C HIS A 229 -12.55 2.47 15.54
N ASN A 230 -12.31 1.18 15.32
CA ASN A 230 -11.24 0.74 14.43
C ASN A 230 -9.94 1.38 14.90
N LEU A 231 -9.72 1.35 16.21
CA LEU A 231 -8.62 2.10 16.83
C LEU A 231 -7.23 1.73 16.32
N GLU A 232 -7.05 0.47 15.96
CA GLU A 232 -5.74 -0.03 15.54
C GLU A 232 -5.39 0.39 14.11
N HIS A 233 -6.34 1.00 13.42
CA HIS A 233 -6.07 1.55 12.08
C HIS A 233 -6.33 3.05 12.00
N ALA A 234 -6.71 3.65 13.12
CA ALA A 234 -7.11 5.06 13.11
C ALA A 234 -5.91 5.99 12.92
N ASP A 235 -4.73 5.56 13.36
CA ASP A 235 -3.54 6.38 13.17
C ASP A 235 -3.18 6.53 11.68
N MET A 236 -3.24 5.42 10.95
CA MET A 236 -3.00 5.48 9.52
C MET A 236 -4.03 6.37 8.84
N ALA A 237 -5.29 6.21 9.22
CA ALA A 237 -6.35 7.00 8.62
C ALA A 237 -6.18 8.49 8.92
N TYR A 238 -5.77 8.80 10.15
CA TYR A 238 -5.62 10.19 10.56
C TYR A 238 -4.56 10.90 9.73
N GLU A 239 -3.45 10.21 9.48
CA GLU A 239 -2.36 10.81 8.70
C GLU A 239 -2.65 10.82 7.20
N TRP A 240 -3.36 9.81 6.71
CA TRP A 240 -3.81 9.89 5.33
C TRP A 240 -4.55 11.21 5.15
N GLN A 241 -5.40 11.54 6.13
CA GLN A 241 -6.23 12.73 6.03
C GLN A 241 -5.46 14.02 6.25
N PHE A 242 -4.62 14.06 7.30
CA PHE A 242 -4.02 15.33 7.74
C PHE A 242 -2.53 15.51 7.45
N ASN A 243 -1.90 14.55 6.78
CA ASN A 243 -0.50 14.77 6.43
C ASN A 243 -0.39 16.06 5.62
N GLY A 244 0.66 16.83 5.86
CA GLY A 244 0.84 18.08 5.14
C GLY A 244 0.25 19.26 5.90
N ILE A 245 -0.55 18.95 6.91
CA ILE A 245 -1.07 19.98 7.80
C ILE A 245 -0.35 19.84 9.12
N ASN A 246 0.61 20.73 9.36
CA ASN A 246 1.54 20.54 10.47
C ASN A 246 1.22 21.27 11.77
N ASP A 247 0.25 22.17 11.74
CA ASP A 247 -0.20 22.74 12.99
C ASP A 247 -1.43 21.98 13.50
N TRP A 248 -1.51 21.77 14.81
CA TRP A 248 -2.69 21.15 15.40
C TRP A 248 -3.38 22.02 16.44
N HIS A 249 -4.68 21.80 16.62
CA HIS A 249 -5.47 22.62 17.53
C HIS A 249 -6.50 21.74 18.24
N ARG A 250 -6.31 21.57 19.55
CA ARG A 250 -7.22 20.80 20.37
C ARG A 250 -7.45 21.48 21.71
N TYR A 251 -7.90 20.72 22.71
CA TYR A 251 -8.20 21.29 24.01
C TYR A 251 -7.44 20.61 25.13
N GLN A 252 -7.20 21.37 26.20
CA GLN A 252 -6.68 20.80 27.44
C GLN A 252 -7.55 21.29 28.57
N PRO A 253 -7.59 20.54 29.68
CA PRO A 253 -8.48 20.85 30.80
C PRO A 253 -8.01 22.02 31.66
N VAL A 254 -8.96 22.81 32.16
CA VAL A 254 -8.65 23.82 33.18
C VAL A 254 -9.31 23.43 34.51
N ALA A 255 -8.79 23.97 35.61
CA ALA A 255 -9.32 23.68 36.93
C ALA A 255 -10.78 24.12 37.08
N GLY A 256 -11.56 23.33 37.80
CA GLY A 256 -12.95 23.64 38.03
C GLY A 256 -13.87 22.92 37.07
N THR A 257 -15.14 22.83 37.46
CA THR A 257 -16.16 22.26 36.60
C THR A 257 -17.33 23.23 36.54
N THR A 258 -18.36 22.89 35.77
CA THR A 258 -19.60 23.63 35.83
C THR A 258 -20.33 23.21 37.10
N LYS A 259 -21.43 23.88 37.41
CA LYS A 259 -22.22 23.52 38.60
C LYS A 259 -22.73 22.09 38.48
N ASN A 260 -22.80 21.60 37.24
CA ASN A 260 -23.26 20.23 36.99
C ASN A 260 -22.13 19.27 36.64
N GLY A 261 -20.92 19.59 37.11
CA GLY A 261 -19.81 18.64 37.07
C GLY A 261 -19.05 18.51 35.77
N ARG A 262 -19.47 19.24 34.74
CA ARG A 262 -18.82 19.14 33.43
C ARG A 262 -17.41 19.74 33.48
N PRO A 263 -16.40 18.96 33.07
CA PRO A 263 -15.00 19.42 33.15
C PRO A 263 -14.77 20.59 32.21
N LYS A 264 -13.95 21.55 32.65
CA LYS A 264 -13.68 22.74 31.84
C LYS A 264 -12.49 22.53 30.90
N PHE A 265 -12.56 23.15 29.72
CA PHE A 265 -11.55 22.98 28.69
C PHE A 265 -11.14 24.33 28.10
N GLU A 266 -10.09 24.33 27.28
CA GLU A 266 -9.70 25.51 26.52
C GLU A 266 -8.76 25.13 25.38
N PRO A 267 -8.84 25.87 24.26
CA PRO A 267 -8.07 25.59 23.05
C PRO A 267 -6.57 25.70 23.31
N VAL A 268 -5.80 24.75 22.80
CA VAL A 268 -4.34 24.87 22.83
C VAL A 268 -3.77 24.28 21.53
N SER A 269 -2.92 25.05 20.87
CA SER A 269 -2.37 24.62 19.59
C SER A 269 -0.92 24.19 19.70
N GLY A 270 -0.45 23.50 18.66
CA GLY A 270 0.91 23.02 18.63
C GLY A 270 1.37 22.83 17.20
N GLN A 271 2.60 22.33 17.05
CA GLN A 271 3.21 22.15 15.74
C GLN A 271 3.90 20.80 15.76
N LEU A 272 3.69 20.01 14.71
CA LEU A 272 4.34 18.71 14.61
C LEU A 272 5.85 18.87 14.54
N THR A 273 6.58 18.03 15.26
CA THR A 273 8.03 18.03 15.18
C THR A 273 8.46 17.45 13.83
N VAL A 274 9.73 17.66 13.47
CA VAL A 274 10.26 17.06 12.25
C VAL A 274 10.08 15.53 12.29
N GLU A 275 10.29 14.94 13.46
CA GLU A 275 10.17 13.50 13.61
C GLU A 275 8.72 13.04 13.41
N GLU A 276 7.78 13.81 13.95
CA GLU A 276 6.36 13.49 13.78
C GLU A 276 5.92 13.62 12.32
N GLN A 277 6.45 14.62 11.63
CA GLN A 277 6.15 14.81 10.22
C GLN A 277 6.60 13.60 9.43
N ALA A 278 7.78 13.08 9.76
CA ALA A 278 8.33 11.93 9.06
C ALA A 278 7.50 10.68 9.35
N LEU A 279 7.07 10.53 10.59
CA LEU A 279 6.26 9.39 10.97
C LEU A 279 4.89 9.47 10.29
N SER A 280 4.40 10.70 10.11
CA SER A 280 3.09 10.90 9.48
C SER A 280 3.09 10.33 8.07
N LEU A 281 4.16 10.59 7.35
CA LEU A 281 4.26 10.19 5.95
C LEU A 281 4.24 8.68 5.80
N ALA A 282 4.87 7.99 6.74
CA ALA A 282 4.85 6.53 6.75
C ALA A 282 3.47 5.99 7.06
N LEU A 283 2.82 6.58 8.06
CA LEU A 283 1.46 6.16 8.45
C LEU A 283 0.50 6.40 7.28
N LYS A 284 0.63 7.54 6.63
CA LYS A 284 -0.22 7.85 5.49
C LYS A 284 -0.02 6.80 4.40
N ALA A 285 1.23 6.51 4.08
CA ALA A 285 1.53 5.55 3.02
C ALA A 285 0.95 4.18 3.34
N GLN A 286 1.06 3.76 4.60
CA GLN A 286 0.55 2.45 5.00
C GLN A 286 -0.97 2.36 4.90
N PHE A 287 -1.65 3.49 5.05
CA PHE A 287 -3.10 3.48 4.95
C PHE A 287 -3.61 2.96 3.61
N SER A 288 -2.89 3.27 2.53
CA SER A 288 -3.35 2.84 1.21
C SER A 288 -3.50 1.33 1.17
N THR A 289 -2.50 0.63 1.66
CA THR A 289 -2.52 -0.83 1.64
C THR A 289 -3.60 -1.40 2.56
N TYR A 290 -3.72 -0.83 3.76
CA TYR A 290 -4.75 -1.28 4.67
C TYR A 290 -6.12 -1.13 3.99
N LEU A 291 -6.36 0.05 3.45
CA LEU A 291 -7.63 0.38 2.80
C LEU A 291 -7.93 -0.55 1.62
N ASN A 292 -6.93 -0.74 0.77
CA ASN A 292 -7.13 -1.57 -0.41
C ASN A 292 -7.47 -3.00 -0.06
N GLN A 293 -6.78 -3.53 0.94
CA GLN A 293 -6.95 -4.93 1.31
C GLN A 293 -8.30 -5.23 1.99
N LEU A 294 -9.04 -4.18 2.35
CA LEU A 294 -10.42 -4.35 2.84
C LEU A 294 -11.36 -4.79 1.72
N LYS A 295 -10.98 -4.52 0.48
CA LYS A 295 -11.77 -4.85 -0.70
C LYS A 295 -13.18 -4.24 -0.64
N LEU A 296 -13.26 -2.96 -0.29
CA LEU A 296 -14.53 -2.25 -0.28
C LEU A 296 -15.02 -1.97 -1.70
N THR A 297 -16.33 -1.96 -1.89
CA THR A 297 -16.84 -1.67 -3.22
C THR A 297 -17.91 -0.58 -3.21
N ALA A 298 -18.02 0.11 -4.33
CA ALA A 298 -19.10 1.07 -4.53
C ALA A 298 -20.36 0.30 -4.87
N SER A 299 -21.46 1.03 -5.08
CA SER A 299 -22.74 0.41 -5.44
C SER A 299 -22.66 -0.37 -6.74
N ASP A 300 -22.04 0.21 -7.76
CA ASP A 300 -21.94 -0.46 -9.05
C ASP A 300 -21.02 -1.68 -8.95
N GLY A 301 -20.32 -1.79 -7.83
CA GLY A 301 -19.43 -2.92 -7.60
C GLY A 301 -17.94 -2.68 -7.81
N THR A 302 -17.53 -1.47 -8.15
CA THR A 302 -16.11 -1.18 -8.34
C THR A 302 -15.37 -1.25 -7.02
N HIS A 303 -14.18 -1.85 -7.04
CA HIS A 303 -13.29 -1.85 -5.89
C HIS A 303 -12.87 -0.41 -5.60
N LEU A 304 -13.07 0.04 -4.36
CA LEU A 304 -12.67 1.38 -3.96
C LEU A 304 -11.23 1.33 -3.46
N THR A 305 -10.36 2.16 -4.02
CA THR A 305 -8.94 2.00 -3.73
C THR A 305 -8.19 3.32 -3.59
N LEU A 306 -6.94 3.20 -3.17
CA LEU A 306 -6.03 4.34 -3.12
C LEU A 306 -4.73 3.92 -3.76
N ASN A 307 -4.05 4.85 -4.44
CA ASN A 307 -2.72 4.55 -4.97
C ASN A 307 -1.63 4.85 -3.95
N GLU A 308 -0.37 4.77 -4.40
CA GLU A 308 0.77 4.94 -3.52
C GLU A 308 0.73 6.25 -2.76
N ALA A 309 0.27 7.30 -3.44
CA ALA A 309 0.23 8.63 -2.86
C ALA A 309 -1.11 8.93 -2.18
N GLY A 310 -1.98 7.94 -2.07
CA GLY A 310 -3.19 8.11 -1.29
C GLY A 310 -4.32 8.77 -2.05
N MET A 311 -4.23 8.77 -3.37
CA MET A 311 -5.29 9.29 -4.22
CA MET A 311 -5.28 9.30 -4.24
C MET A 311 -6.08 8.15 -4.85
N GLY A 312 -7.31 8.43 -5.28
CA GLY A 312 -8.06 7.38 -5.95
C GLY A 312 -9.54 7.36 -5.63
N SER A 313 -10.20 6.29 -6.05
CA SER A 313 -11.66 6.21 -5.94
C SER A 313 -12.17 6.30 -4.49
N PHE A 314 -11.43 5.75 -3.54
CA PHE A 314 -11.85 5.88 -2.15
C PHE A 314 -11.78 7.33 -1.68
N ARG A 315 -10.72 8.01 -2.07
CA ARG A 315 -10.59 9.42 -1.73
C ARG A 315 -11.74 10.23 -2.34
N ASP A 316 -12.11 9.87 -3.57
CA ASP A 316 -13.22 10.54 -4.25
C ASP A 316 -14.56 10.33 -3.51
N VAL A 317 -14.72 9.18 -2.87
CA VAL A 317 -15.91 8.93 -2.07
C VAL A 317 -16.00 9.89 -0.89
N VAL A 318 -14.87 10.10 -0.22
CA VAL A 318 -14.83 11.03 0.89
C VAL A 318 -15.19 12.43 0.40
N ARG A 319 -14.59 12.82 -0.71
CA ARG A 319 -14.88 14.12 -1.31
C ARG A 319 -16.37 14.26 -1.63
N GLN A 320 -16.95 13.22 -2.23
CA GLN A 320 -18.35 13.29 -2.67
C GLN A 320 -19.31 13.42 -1.49
N LEU A 321 -18.98 12.75 -0.40
CA LEU A 321 -19.80 12.80 0.81
C LEU A 321 -19.77 14.22 1.38
N LEU A 322 -18.62 14.88 1.27
CA LEU A 322 -18.52 16.25 1.77
C LEU A 322 -19.23 17.24 0.82
N ILE A 323 -19.23 16.93 -0.46
CA ILE A 323 -19.97 17.74 -1.43
C ILE A 323 -21.48 17.63 -1.17
N SER A 324 -21.94 16.40 -0.93
CA SER A 324 -23.34 16.17 -0.59
CA SER A 324 -23.33 16.17 -0.59
C SER A 324 -23.71 16.93 0.68
N SER A 325 -22.85 16.85 1.68
CA SER A 325 -23.07 17.57 2.94
C SER A 325 -23.22 19.06 2.66
N ALA A 326 -22.30 19.61 1.86
CA ALA A 326 -22.33 21.02 1.55
C ALA A 326 -23.58 21.42 0.74
N GLN A 327 -24.01 20.57 -0.18
CA GLN A 327 -25.18 20.89 -0.99
C GLN A 327 -26.42 21.00 -0.11
N THR A 328 -26.52 20.09 0.86
CA THR A 328 -27.66 20.07 1.76
C THR A 328 -27.71 21.36 2.57
N ALA A 329 -26.54 21.82 3.02
CA ALA A 329 -26.46 23.08 3.75
C ALA A 329 -26.72 24.27 2.83
N PHE A 330 -26.18 24.21 1.62
CA PHE A 330 -26.35 25.28 0.64
C PHE A 330 -27.83 25.51 0.38
N ASP A 331 -28.57 24.41 0.24
CA ASP A 331 -29.99 24.50 -0.08
C ASP A 331 -30.78 25.10 1.07
N GLN A 332 -30.20 25.07 2.27
CA GLN A 332 -30.85 25.68 3.43
C GLN A 332 -30.41 27.13 3.62
N GLY A 333 -29.63 27.65 2.69
CA GLY A 333 -29.19 29.03 2.76
C GLY A 333 -27.96 29.25 3.62
N THR A 334 -27.28 28.16 3.98
CA THR A 334 -26.04 28.25 4.75
C THR A 334 -24.88 28.68 3.85
N ASP A 335 -23.98 29.51 4.38
CA ASP A 335 -22.81 29.96 3.64
C ASP A 335 -21.71 28.93 3.79
N ILE A 336 -21.54 28.07 2.79
CA ILE A 336 -20.60 26.96 2.91
C ILE A 336 -19.15 27.41 2.80
N HIS A 337 -18.95 28.67 2.41
CA HIS A 337 -17.60 29.22 2.24
C HIS A 337 -16.95 29.59 3.57
N LYS A 338 -17.61 29.21 4.66
CA LYS A 338 -16.96 29.21 5.97
C LYS A 338 -15.70 28.37 5.86
N TYR A 339 -15.79 27.29 5.10
CA TYR A 339 -14.64 26.42 4.83
C TYR A 339 -14.12 26.62 3.41
N ALA A 340 -12.83 26.43 3.20
CA ALA A 340 -12.21 26.64 1.90
C ALA A 340 -12.41 25.44 0.97
N GLY A 341 -12.32 25.67 -0.33
CA GLY A 341 -12.22 24.58 -1.29
C GLY A 341 -13.45 24.21 -2.12
N PHE A 342 -14.62 24.69 -1.72
CA PHE A 342 -15.85 24.34 -2.43
C PHE A 342 -16.04 25.16 -3.69
N VAL A 343 -16.39 24.48 -4.78
CA VAL A 343 -16.71 25.15 -6.03
C VAL A 343 -18.22 25.12 -6.24
N VAL A 344 -18.82 26.30 -6.24
CA VAL A 344 -20.25 26.42 -6.49
C VAL A 344 -20.46 26.99 -7.89
N THR A 345 -21.22 26.27 -8.71
CA THR A 345 -21.61 26.76 -10.02
C THR A 345 -23.13 26.89 -10.00
N GLY A 346 -23.62 28.10 -10.22
CA GLY A 346 -25.04 28.36 -10.06
C GLY A 346 -25.44 28.08 -8.63
N ASN A 347 -26.43 27.22 -8.44
CA ASN A 347 -26.85 26.82 -7.11
C ASN A 347 -26.42 25.39 -6.82
N GLN A 348 -25.42 24.91 -7.55
CA GLN A 348 -24.90 23.57 -7.36
C GLN A 348 -23.48 23.56 -6.82
N VAL A 349 -23.22 22.76 -5.79
CA VAL A 349 -21.86 22.52 -5.36
C VAL A 349 -21.28 21.49 -6.31
N THR A 350 -20.39 21.93 -7.20
CA THR A 350 -19.96 21.08 -8.30
C THR A 350 -18.65 20.37 -8.02
N ASP A 351 -17.88 20.88 -7.06
CA ASP A 351 -16.59 20.26 -6.77
C ASP A 351 -16.05 20.68 -5.41
N LEU A 352 -14.97 20.04 -5.01
CA LEU A 352 -14.34 20.33 -3.74
C LEU A 352 -12.85 20.01 -3.82
N ASP A 353 -12.03 20.98 -3.44
CA ASP A 353 -10.61 20.75 -3.23
C ASP A 353 -10.46 20.24 -1.80
N LEU A 354 -10.34 18.92 -1.66
CA LEU A 354 -10.37 18.27 -0.36
C LEU A 354 -9.23 18.77 0.53
N SER A 355 -8.03 18.85 -0.03
CA SER A 355 -6.88 19.31 0.75
C SER A 355 -7.15 20.68 1.37
N ALA A 356 -7.74 21.58 0.58
CA ALA A 356 -8.02 22.94 1.03
C ALA A 356 -9.06 22.93 2.14
N TYR A 357 -10.10 22.12 1.96
CA TYR A 357 -11.12 21.98 2.99
C TYR A 357 -10.48 21.54 4.32
N LEU A 358 -9.66 20.50 4.27
CA LEU A 358 -9.08 19.95 5.48
C LEU A 358 -8.16 20.96 6.17
N LYS A 359 -7.51 21.80 5.38
CA LYS A 359 -6.63 22.83 5.92
C LYS A 359 -7.44 23.85 6.69
N SER A 360 -8.57 24.28 6.14
CA SER A 360 -9.43 25.22 6.85
C SER A 360 -10.09 24.57 8.07
N LEU A 361 -10.40 23.28 7.96
CA LEU A 361 -10.98 22.53 9.06
C LEU A 361 -10.03 22.42 10.26
N THR A 362 -8.75 22.24 9.94
CA THR A 362 -7.65 22.10 10.91
C THR A 362 -7.49 20.70 11.47
N ARG A 363 -6.22 20.32 11.66
CA ARG A 363 -5.85 19.10 12.35
C ARG A 363 -6.03 19.29 13.85
N MET A 364 -6.53 18.26 14.52
CA MET A 364 -6.74 18.32 15.98
CA MET A 364 -6.75 18.32 15.96
C MET A 364 -5.67 17.57 16.75
N LYS A 365 -5.36 16.36 16.32
CA LYS A 365 -4.44 15.49 17.06
C LYS A 365 -3.06 15.41 16.45
N ALA A 366 -2.05 15.16 17.28
CA ALA A 366 -0.67 15.03 16.81
C ALA A 366 -0.35 13.58 16.47
N VAL A 367 0.92 13.24 16.27
CA VAL A 367 1.27 11.96 15.64
C VAL A 367 2.06 11.02 16.55
N PRO A 368 1.59 9.77 16.71
CA PRO A 368 0.31 9.19 16.27
C PRO A 368 -0.85 9.79 17.04
N ALA A 369 -2.02 9.87 16.41
CA ALA A 369 -3.18 10.48 17.04
C ALA A 369 -3.84 9.60 18.09
N PHE A 370 -3.73 8.27 17.94
CA PHE A 370 -4.43 7.34 18.83
C PHE A 370 -3.49 6.51 19.71
N ASP A 371 -2.52 5.84 19.09
CA ASP A 371 -1.56 5.06 19.86
C ASP A 371 -0.35 5.94 20.17
N GLN A 372 -0.44 6.76 21.21
CA GLN A 372 0.63 7.70 21.51
C GLN A 372 1.87 6.95 22.01
N LEU A 373 3.04 7.42 21.60
CA LEU A 373 4.26 6.68 21.88
C LEU A 373 4.56 6.63 23.38
N ASP A 374 4.00 7.56 24.13
CA ASP A 374 4.24 7.62 25.57
C ASP A 374 3.04 7.09 26.36
N LEU A 375 2.13 6.41 25.67
CA LEU A 375 1.00 5.72 26.30
C LEU A 375 -0.01 6.66 26.96
N THR A 376 -0.05 7.92 26.52
CA THR A 376 -0.87 8.91 27.22
C THR A 376 -2.30 9.15 26.68
N SER A 377 -2.70 8.45 25.62
CA SER A 377 -4.03 8.67 25.05
C SER A 377 -5.13 7.89 25.77
N PRO A 378 -6.39 8.29 25.59
CA PRO A 378 -7.51 7.54 26.14
C PRO A 378 -7.50 6.08 25.64
N GLU A 379 -7.18 5.89 24.37
CA GLU A 379 -7.11 4.54 23.83
C GLU A 379 -6.01 3.71 24.49
N ASN A 380 -4.88 4.34 24.81
CA ASN A 380 -3.80 3.62 25.48
C ASN A 380 -4.29 3.12 26.82
N ASN A 381 -4.95 3.99 27.57
CA ASN A 381 -5.48 3.64 28.89
C ASN A 381 -6.58 2.58 28.78
N LEU A 382 -7.41 2.70 27.75
CA LEU A 382 -8.46 1.70 27.48
C LEU A 382 -7.88 0.29 27.36
N PHE A 383 -6.72 0.18 26.72
CA PHE A 383 -6.12 -1.12 26.49
C PHE A 383 -5.18 -1.58 27.60
N GLY A 384 -5.06 -0.77 28.64
CA GLY A 384 -4.42 -1.22 29.88
C GLY A 384 -5.21 -2.35 30.54
N ASP A 385 -4.62 -2.97 31.56
CA ASP A 385 -5.34 -3.97 32.34
C ASP A 385 -5.01 -3.83 33.82
N ALA A 386 -5.27 -4.88 34.61
CA ALA A 386 -5.05 -4.83 36.05
C ALA A 386 -3.58 -4.63 36.40
N THR A 387 -2.69 -5.08 35.53
CA THR A 387 -1.25 -4.93 35.76
C THR A 387 -0.70 -3.62 35.16
N ALA A 388 -1.00 -3.38 33.89
CA ALA A 388 -0.47 -2.20 33.21
C ALA A 388 -1.56 -1.15 33.00
N LYS A 389 -1.27 0.07 33.43
CA LYS A 389 -2.23 1.16 33.28
C LYS A 389 -2.57 1.41 31.80
N ALA A 390 -1.59 1.27 30.92
CA ALA A 390 -1.80 1.55 29.50
C ALA A 390 -0.96 0.63 28.63
N LYS A 391 -1.46 0.35 27.42
CA LYS A 391 -0.72 -0.47 26.45
C LYS A 391 -0.77 0.15 25.07
N HIS A 392 0.14 -0.29 24.21
CA HIS A 392 0.07 0.01 22.79
C HIS A 392 -0.89 -0.97 22.11
N PHE A 393 -1.32 -0.65 20.90
CA PHE A 393 -2.25 -1.54 20.20
C PHE A 393 -1.98 -1.55 18.69
N THR A 394 -0.80 -1.05 18.34
CA THR A 394 -0.28 -1.12 16.97
C THR A 394 1.20 -1.50 16.99
N ALA A 395 1.66 -2.17 15.95
CA ALA A 395 3.07 -2.54 15.87
C ALA A 395 3.95 -1.30 15.86
N LEU A 396 3.52 -0.29 15.12
CA LEU A 396 4.32 0.92 14.93
CA LEU A 396 4.32 0.91 14.93
C LEU A 396 4.62 1.63 16.25
N ALA A 397 3.59 1.83 17.07
CA ALA A 397 3.76 2.52 18.33
C ALA A 397 4.58 1.71 19.32
N GLN A 398 4.45 0.38 19.29
CA GLN A 398 5.23 -0.45 20.19
C GLN A 398 6.70 -0.34 19.80
N THR A 399 6.96 -0.38 18.50
CA THR A 399 8.32 -0.28 18.00
C THR A 399 8.94 1.06 18.37
N ARG A 400 8.15 2.12 18.27
CA ARG A 400 8.62 3.48 18.47
C ARG A 400 8.37 4.00 19.89
N SER A 401 7.95 3.12 20.78
CA SER A 401 7.53 3.55 22.11
C SER A 401 8.62 4.37 22.80
N THR A 402 8.22 5.42 23.50
CA THR A 402 9.18 6.24 24.23
C THR A 402 9.22 5.85 25.72
N VAL A 403 8.37 4.90 26.09
CA VAL A 403 8.30 4.40 27.47
C VAL A 403 8.16 2.89 27.42
N THR A 404 8.55 2.21 28.51
CA THR A 404 8.40 0.76 28.55
C THR A 404 6.94 0.39 28.40
N ALA A 405 6.65 -0.59 27.56
CA ALA A 405 5.27 -0.88 27.17
C ALA A 405 5.10 -2.27 26.60
N GLN A 406 3.89 -2.81 26.74
CA GLN A 406 3.55 -4.03 26.02
C GLN A 406 2.40 -3.76 25.05
N LEU A 407 2.28 -4.63 24.06
CA LEU A 407 1.20 -4.61 23.08
C LEU A 407 -0.02 -5.29 23.68
N ALA A 408 -1.20 -4.73 23.47
CA ALA A 408 -2.43 -5.38 23.94
C ALA A 408 -2.70 -6.67 23.16
N ASP A 409 -3.43 -7.58 23.78
CA ASP A 409 -3.81 -8.86 23.20
C ASP A 409 -4.50 -8.66 21.85
N ALA A 410 -3.98 -9.32 20.82
CA ALA A 410 -4.50 -9.16 19.47
C ALA A 410 -5.98 -9.50 19.38
N GLU A 411 -6.41 -10.54 20.08
CA GLU A 411 -7.81 -10.95 20.03
C GLU A 411 -8.71 -9.90 20.67
N LEU A 412 -8.21 -9.26 21.73
CA LEU A 412 -8.98 -8.22 22.42
C LEU A 412 -9.16 -7.00 21.53
N ILE A 413 -8.07 -6.58 20.90
CA ILE A 413 -8.13 -5.49 19.94
C ILE A 413 -9.17 -5.79 18.87
N GLN A 414 -9.10 -6.99 18.30
CA GLN A 414 -10.05 -7.42 17.28
C GLN A 414 -11.49 -7.42 17.83
N ALA A 415 -11.64 -7.93 19.04
CA ALA A 415 -12.97 -8.14 19.62
C ALA A 415 -13.76 -6.86 19.83
N ILE A 416 -13.07 -5.75 20.11
CA ILE A 416 -13.79 -4.50 20.37
C ILE A 416 -13.88 -3.60 19.14
N ASN A 417 -13.48 -4.13 17.99
CA ASN A 417 -13.63 -3.42 16.71
C ASN A 417 -14.84 -3.91 15.95
N PRO A 418 -15.84 -3.04 15.77
CA PRO A 418 -17.07 -3.48 15.09
C PRO A 418 -16.80 -4.08 13.71
N LEU A 419 -15.75 -3.61 13.04
CA LEU A 419 -15.45 -4.09 11.69
C LEU A 419 -15.14 -5.58 11.67
N SER A 420 -14.59 -6.09 12.77
CA SER A 420 -14.16 -7.48 12.84
C SER A 420 -15.28 -8.46 12.57
N TYR A 421 -16.51 -8.05 12.87
CA TYR A 421 -17.66 -8.94 12.83
C TYR A 421 -18.30 -8.95 11.46
N LEU A 422 -17.86 -8.03 10.61
CA LEU A 422 -18.30 -8.00 9.23
C LEU A 422 -17.27 -8.73 8.36
N THR A 423 -16.02 -8.76 8.81
CA THR A 423 -14.91 -9.31 8.01
C THR A 423 -14.50 -10.72 8.43
N THR A 424 -14.86 -11.11 9.65
CA THR A 424 -14.73 -12.49 10.11
C THR A 424 -15.95 -12.81 10.96
N THR A 425 -16.87 -13.60 10.40
CA THR A 425 -18.15 -13.82 11.05
C THR A 425 -18.04 -14.66 12.31
N SER A 426 -18.52 -14.10 13.41
CA SER A 426 -18.49 -14.77 14.70
C SER A 426 -19.61 -14.24 15.56
N SER A 427 -20.70 -13.78 14.92
CA SER A 427 -21.77 -13.09 15.63
C SER A 427 -23.00 -12.86 14.76
N GLN A 428 -24.07 -12.36 15.38
CA GLN A 428 -25.31 -11.99 14.68
C GLN A 428 -25.44 -10.46 14.63
N VAL A 429 -25.46 -9.93 13.40
CA VAL A 429 -25.36 -8.48 13.18
C VAL A 429 -26.72 -7.82 13.02
N ALA A 430 -26.92 -6.69 13.68
CA ALA A 430 -28.13 -5.90 13.51
C ALA A 430 -28.36 -5.53 12.04
N LYS A 431 -29.60 -5.61 11.58
CA LYS A 431 -29.89 -5.40 10.17
C LYS A 431 -29.98 -3.93 9.78
N HIS A 432 -30.15 -3.05 10.78
CA HIS A 432 -30.47 -1.66 10.52
C HIS A 432 -29.51 -0.71 11.23
N TRP A 433 -28.85 0.15 10.44
CA TRP A 433 -27.81 1.05 10.94
C TRP A 433 -28.05 2.47 10.48
N ARG A 434 -27.87 3.42 11.41
CA ARG A 434 -27.85 4.83 11.08
C ARG A 434 -26.64 5.45 11.74
N ILE A 435 -25.75 5.98 10.91
CA ILE A 435 -24.48 6.50 11.37
C ILE A 435 -24.31 7.95 10.91
N ARG A 436 -23.88 8.81 11.83
CA ARG A 436 -23.57 10.20 11.49
C ARG A 436 -22.19 10.57 12.00
N HIS A 437 -21.47 11.38 11.23
CA HIS A 437 -20.20 11.93 11.70
C HIS A 437 -20.09 13.35 11.15
N GLY A 438 -20.00 14.34 12.04
CA GLY A 438 -20.10 15.73 11.62
C GLY A 438 -18.98 16.15 10.67
N ALA A 439 -19.32 16.97 9.67
CA ALA A 439 -18.34 17.41 8.68
C ALA A 439 -17.26 18.30 9.28
N ALA A 440 -17.49 18.77 10.50
CA ALA A 440 -16.49 19.56 11.22
C ALA A 440 -15.84 18.76 12.35
N ASP A 441 -16.07 17.45 12.39
CA ASP A 441 -15.54 16.63 13.47
C ASP A 441 -14.17 16.07 13.06
N ARG A 442 -13.12 16.46 13.78
CA ARG A 442 -11.77 16.01 13.45
C ARG A 442 -11.17 15.10 14.51
N ASP A 443 -12.01 14.48 15.34
CA ASP A 443 -11.52 13.56 16.36
C ASP A 443 -10.98 12.27 15.76
N THR A 444 -11.50 11.91 14.59
CA THR A 444 -10.97 10.79 13.82
C THR A 444 -11.17 11.12 12.35
N SER A 445 -10.38 10.52 11.46
CA SER A 445 -10.53 10.78 10.03
C SER A 445 -11.93 10.38 9.55
N PHE A 446 -12.45 11.09 8.55
CA PHE A 446 -13.72 10.71 7.95
C PHE A 446 -13.67 9.31 7.37
N ALA A 447 -12.48 8.85 7.01
CA ALA A 447 -12.34 7.52 6.43
C ALA A 447 -12.84 6.45 7.39
N ILE A 448 -12.75 6.72 8.69
CA ILE A 448 -13.14 5.72 9.70
C ILE A 448 -14.65 5.38 9.71
N PRO A 449 -15.51 6.39 9.90
CA PRO A 449 -16.93 6.06 9.76
C PRO A 449 -17.32 5.64 8.34
N ILE A 450 -16.66 6.20 7.33
CA ILE A 450 -16.98 5.82 5.95
C ILE A 450 -16.68 4.35 5.66
N ILE A 451 -15.55 3.86 6.17
CA ILE A 451 -15.22 2.45 6.04
C ILE A 451 -16.29 1.56 6.67
N LEU A 452 -16.73 1.92 7.87
CA LEU A 452 -17.79 1.17 8.53
C LEU A 452 -19.05 1.15 7.67
N ALA A 453 -19.49 2.31 7.20
CA ALA A 453 -20.72 2.42 6.43
C ALA A 453 -20.65 1.60 5.13
N ILE A 454 -19.55 1.74 4.40
CA ILE A 454 -19.41 0.98 3.17
C ILE A 454 -19.39 -0.53 3.43
N MET A 455 -18.67 -0.94 4.46
CA MET A 455 -18.58 -2.36 4.77
C MET A 455 -19.97 -2.92 5.12
N LEU A 456 -20.74 -2.14 5.88
CA LEU A 456 -22.12 -2.53 6.20
C LEU A 456 -22.95 -2.73 4.93
N GLU A 457 -22.94 -1.73 4.06
CA GLU A 457 -23.66 -1.84 2.80
C GLU A 457 -23.19 -3.03 1.98
N ASN A 458 -21.88 -3.26 1.95
CA ASN A 458 -21.32 -4.34 1.13
C ASN A 458 -21.81 -5.71 1.56
N HIS A 459 -22.12 -5.84 2.85
CA HIS A 459 -22.54 -7.13 3.41
C HIS A 459 -24.06 -7.25 3.55
N GLY A 460 -24.79 -6.29 2.97
CA GLY A 460 -26.22 -6.40 2.82
C GLY A 460 -27.03 -5.80 3.96
N TYR A 461 -26.38 -5.06 4.84
CA TYR A 461 -27.08 -4.45 5.97
C TYR A 461 -27.64 -3.08 5.59
N GLY A 462 -28.75 -2.71 6.21
CA GLY A 462 -29.33 -1.40 5.98
C GLY A 462 -28.44 -0.34 6.62
N ILE A 463 -27.99 0.62 5.82
CA ILE A 463 -27.16 1.69 6.36
C ILE A 463 -27.56 3.07 5.81
N ASP A 464 -27.88 3.95 6.73
CA ASP A 464 -28.22 5.33 6.46
C ASP A 464 -27.06 6.15 7.01
N PHE A 465 -26.25 6.71 6.11
CA PHE A 465 -25.01 7.41 6.49
C PHE A 465 -24.97 8.83 5.94
N ALA A 466 -24.36 9.75 6.70
CA ALA A 466 -24.05 11.10 6.20
C ALA A 466 -23.03 11.83 7.08
N LEU A 467 -22.42 12.87 6.52
CA LEU A 467 -21.53 13.75 7.27
C LEU A 467 -22.19 15.12 7.38
N PRO A 468 -22.97 15.35 8.44
CA PRO A 468 -23.76 16.59 8.50
C PRO A 468 -22.91 17.84 8.53
N TRP A 469 -23.30 18.81 7.69
CA TRP A 469 -22.53 20.02 7.49
C TRP A 469 -22.21 20.79 8.76
N ASP A 470 -20.94 21.16 8.92
CA ASP A 470 -20.45 22.00 10.00
C ASP A 470 -20.84 21.53 11.41
N ILE A 471 -21.07 20.24 11.56
CA ILE A 471 -21.38 19.67 12.88
C ILE A 471 -20.07 19.21 13.53
N PRO A 472 -19.80 19.69 14.75
CA PRO A 472 -18.57 19.30 15.44
C PRO A 472 -18.69 17.93 16.10
N HIS A 473 -17.67 17.56 16.88
CA HIS A 473 -17.68 16.32 17.64
C HIS A 473 -18.82 16.39 18.64
N SER A 474 -19.86 15.59 18.42
CA SER A 474 -21.11 15.72 19.18
C SER A 474 -22.11 14.68 18.71
N GLY A 475 -23.27 14.59 19.37
CA GLY A 475 -24.30 13.67 18.95
C GLY A 475 -25.70 14.15 19.28
N ASP A 476 -26.70 13.38 18.87
CA ASP A 476 -28.09 13.64 19.24
C ASP A 476 -28.57 15.02 18.80
N TYR A 477 -28.05 15.52 17.69
CA TYR A 477 -28.37 16.87 17.24
C TYR A 477 -29.42 16.87 16.12
N ASP A 478 -29.88 15.69 15.73
CA ASP A 478 -30.80 15.53 14.61
C ASP A 478 -31.94 14.60 14.99
N LEU A 479 -32.50 14.80 16.17
CA LEU A 479 -33.43 13.83 16.72
C LEU A 479 -34.67 13.60 15.87
N GLY A 480 -35.18 14.66 15.24
CA GLY A 480 -36.32 14.51 14.35
C GLY A 480 -36.06 13.44 13.30
N ASP A 481 -34.87 13.49 12.70
CA ASP A 481 -34.50 12.54 11.67
C ASP A 481 -34.21 11.13 12.22
N LEU A 482 -33.51 11.04 13.34
CA LEU A 482 -33.25 9.76 13.98
C LEU A 482 -34.57 9.06 14.30
N PHE A 483 -35.49 9.80 14.90
CA PHE A 483 -36.76 9.20 15.34
C PHE A 483 -37.64 8.84 14.13
N SER A 484 -37.58 9.63 13.06
CA SER A 484 -38.33 9.26 11.86
C SER A 484 -37.77 7.97 11.27
N TRP A 485 -36.45 7.82 11.34
CA TRP A 485 -35.81 6.59 10.87
C TRP A 485 -36.26 5.40 11.72
N ILE A 486 -36.26 5.58 13.03
CA ILE A 486 -36.70 4.51 13.92
C ILE A 486 -38.15 4.15 13.65
N ASP A 487 -39.00 5.17 13.57
CA ASP A 487 -40.42 4.92 13.28
C ASP A 487 -40.63 4.24 11.93
N GLY A 488 -39.78 4.57 10.96
CA GLY A 488 -39.86 3.94 9.65
C GLY A 488 -39.60 2.45 9.74
N LEU A 489 -38.70 2.07 10.64
CA LEU A 489 -38.39 0.66 10.84
C LEU A 489 -39.46 -0.07 11.66
N CYS A 490 -40.08 0.63 12.60
CA CYS A 490 -40.81 -0.01 13.70
C CYS A 490 -42.34 0.05 13.69
N GLN A 491 -42.90 1.06 13.04
CA GLN A 491 -44.35 1.19 13.02
C GLN A 491 -44.97 0.22 12.02
N SER B 22 23.73 9.63 -45.05
CA SER B 22 22.80 10.33 -45.92
C SER B 22 21.87 9.34 -46.61
N MET B 23 20.96 9.84 -47.43
CA MET B 23 20.07 8.95 -48.14
C MET B 23 20.80 8.07 -49.16
N SER B 24 22.08 8.38 -49.40
CA SER B 24 22.87 7.58 -50.32
C SER B 24 23.31 6.26 -49.66
N ASN B 25 23.27 6.22 -48.33
CA ASN B 25 23.47 4.99 -47.60
C ASN B 25 22.21 4.12 -47.72
N ARG B 26 22.29 3.05 -48.50
CA ARG B 26 21.11 2.24 -48.82
C ARG B 26 20.75 1.23 -47.73
N LEU B 27 21.62 1.08 -46.73
CA LEU B 27 21.41 0.13 -45.64
C LEU B 27 21.31 -1.30 -46.17
N ILE B 28 22.09 -1.60 -47.20
CA ILE B 28 22.09 -2.92 -47.79
C ILE B 28 23.39 -3.64 -47.46
N PHE B 29 23.27 -4.72 -46.71
CA PHE B 29 24.44 -5.54 -46.36
C PHE B 29 24.91 -6.32 -47.57
N ASP B 30 26.23 -6.42 -47.73
CA ASP B 30 26.81 -7.24 -48.78
C ASP B 30 27.71 -8.29 -48.13
N ALA B 31 27.38 -9.57 -48.31
CA ALA B 31 28.16 -10.65 -47.70
C ALA B 31 29.59 -10.70 -48.22
N ASP B 32 29.83 -10.10 -49.39
CA ASP B 32 31.18 -10.02 -49.93
C ASP B 32 32.09 -9.12 -49.10
N TRP B 33 31.50 -8.35 -48.17
CA TRP B 33 32.29 -7.55 -47.25
C TRP B 33 32.99 -8.43 -46.21
N LEU B 34 32.50 -9.64 -45.99
CA LEU B 34 32.98 -10.47 -44.91
C LEU B 34 34.41 -10.94 -45.19
N VAL B 35 35.29 -10.77 -44.21
CA VAL B 35 36.69 -11.17 -44.38
C VAL B 35 37.13 -12.10 -43.24
N PRO B 36 37.97 -13.08 -43.56
CA PRO B 36 38.30 -14.14 -42.58
C PRO B 36 39.26 -13.67 -41.49
N GLU B 37 39.00 -14.09 -40.26
CA GLU B 37 39.87 -13.79 -39.13
C GLU B 37 39.82 -14.97 -38.18
N GLN B 38 40.73 -15.01 -37.21
CA GLN B 38 40.63 -16.01 -36.15
C GLN B 38 41.10 -15.40 -34.84
N VAL B 39 40.66 -15.99 -33.73
CA VAL B 39 41.18 -15.62 -32.43
C VAL B 39 41.79 -16.87 -31.82
N GLN B 40 42.95 -16.71 -31.21
CA GLN B 40 43.57 -17.78 -30.45
C GLN B 40 43.52 -17.39 -28.99
N VAL B 41 42.62 -18.00 -28.23
CA VAL B 41 42.40 -17.63 -26.84
C VAL B 41 42.17 -18.86 -26.00
N ALA B 42 42.76 -18.89 -24.81
CA ALA B 42 42.53 -19.98 -23.86
C ALA B 42 42.65 -21.35 -24.54
N GLY B 43 43.69 -21.52 -25.33
CA GLY B 43 43.98 -22.80 -25.96
C GLY B 43 43.02 -23.18 -27.06
N GLN B 44 42.19 -22.22 -27.48
CA GLN B 44 41.26 -22.46 -28.59
C GLN B 44 41.63 -21.63 -29.82
N ALA B 45 41.18 -22.09 -30.98
CA ALA B 45 41.37 -21.36 -32.23
C ALA B 45 40.02 -21.26 -32.91
N ILE B 46 39.47 -20.05 -32.94
CA ILE B 46 38.11 -19.85 -33.43
C ILE B 46 38.11 -19.05 -34.73
N GLN B 47 37.54 -19.64 -35.78
CA GLN B 47 37.52 -19.05 -37.12
C GLN B 47 36.20 -18.39 -37.44
N TYR B 48 36.25 -17.18 -37.97
CA TYR B 48 35.03 -16.45 -38.29
C TYR B 48 35.32 -15.48 -39.43
N TYR B 49 34.30 -14.78 -39.90
CA TYR B 49 34.45 -13.70 -40.86
C TYR B 49 33.84 -12.45 -40.26
N ALA B 50 34.36 -11.28 -40.64
CA ALA B 50 33.96 -10.04 -40.00
C ALA B 50 33.64 -8.96 -41.03
N ALA B 51 32.66 -8.12 -40.71
CA ALA B 51 32.37 -6.93 -41.49
C ALA B 51 32.10 -5.84 -40.48
N ARG B 52 32.89 -4.78 -40.52
CA ARG B 52 32.88 -3.79 -39.44
C ARG B 52 32.40 -2.41 -39.84
N ASN B 53 32.01 -1.63 -38.84
CA ASN B 53 31.75 -0.20 -39.02
C ASN B 53 30.64 0.08 -40.01
N ILE B 54 29.58 -0.71 -39.93
CA ILE B 54 28.44 -0.53 -40.81
C ILE B 54 27.53 0.56 -40.24
N GLN B 55 27.32 1.63 -41.00
CA GLN B 55 26.40 2.69 -40.61
C GLN B 55 24.98 2.17 -40.77
N TYR B 56 24.30 1.90 -39.65
CA TYR B 56 23.02 1.21 -39.74
C TYR B 56 21.78 2.10 -39.85
N VAL B 57 21.98 3.42 -39.82
CA VAL B 57 20.91 4.35 -40.15
C VAL B 57 21.41 5.38 -41.17
N GLN B 58 20.48 6.04 -41.86
CA GLN B 58 20.84 7.02 -42.89
C GLN B 58 21.26 8.38 -42.34
N HIS B 59 20.79 8.70 -41.13
CA HIS B 59 21.07 10.02 -40.57
C HIS B 59 21.59 9.93 -39.15
N PRO B 60 22.75 9.28 -38.96
CA PRO B 60 23.28 9.12 -37.59
C PRO B 60 23.61 10.47 -36.99
N VAL B 61 23.52 10.59 -35.67
CA VAL B 61 23.87 11.84 -35.01
C VAL B 61 25.15 11.67 -34.20
N ALA B 62 25.66 10.44 -34.17
CA ALA B 62 26.85 10.15 -33.40
C ALA B 62 27.67 9.05 -34.02
N ALA B 63 28.99 9.14 -33.85
CA ALA B 63 29.92 8.19 -34.44
C ALA B 63 29.72 6.76 -33.94
N ILE B 64 29.17 6.63 -32.74
CA ILE B 64 29.02 5.31 -32.10
C ILE B 64 27.94 4.45 -32.79
N GLN B 65 27.08 5.09 -33.59
CA GLN B 65 26.00 4.36 -34.28
C GLN B 65 26.48 3.57 -35.50
N VAL B 66 27.35 2.59 -35.24
CA VAL B 66 27.71 1.60 -36.26
C VAL B 66 27.57 0.21 -35.66
N LEU B 67 27.55 -0.81 -36.52
CA LEU B 67 27.51 -2.16 -36.03
C LEU B 67 28.55 -3.02 -36.73
N ASN B 68 28.91 -4.12 -36.08
CA ASN B 68 29.83 -5.09 -36.64
C ASN B 68 29.12 -6.42 -36.83
N VAL B 69 29.50 -7.15 -37.87
CA VAL B 69 28.90 -8.43 -38.15
C VAL B 69 29.99 -9.51 -38.10
N PHE B 70 29.73 -10.58 -37.37
CA PHE B 70 30.68 -11.69 -37.27
C PHE B 70 29.98 -13.01 -37.53
N VAL B 71 30.55 -13.82 -38.43
CA VAL B 71 29.91 -15.03 -38.92
C VAL B 71 30.84 -16.22 -38.76
N PRO B 72 30.33 -17.34 -38.24
CA PRO B 72 31.16 -18.55 -38.17
C PRO B 72 31.69 -18.91 -39.55
N ALA B 73 32.97 -19.28 -39.64
CA ALA B 73 33.61 -19.53 -40.93
C ALA B 73 32.87 -20.57 -41.78
N ALA B 74 32.30 -21.59 -41.14
CA ALA B 74 31.60 -22.65 -41.87
C ALA B 74 30.53 -22.12 -42.84
N TYR B 75 29.86 -21.05 -42.44
CA TYR B 75 28.75 -20.54 -43.23
C TYR B 75 29.19 -19.83 -44.52
N LEU B 76 30.50 -19.63 -44.67
CA LEU B 76 31.02 -19.01 -45.89
C LEU B 76 31.38 -20.06 -46.93
N HIS B 77 31.34 -21.32 -46.48
N HIS B 77 31.41 -21.33 -46.56
CA HIS B 77 31.77 -22.48 -47.25
CA HIS B 77 31.63 -22.36 -47.58
C HIS B 77 30.63 -23.49 -47.49
C HIS B 77 30.63 -23.50 -47.47
N GLY B 78 29.41 -23.15 -47.08
CA GLY B 78 28.29 -24.06 -47.16
C GLY B 78 28.30 -25.22 -46.19
N SER B 79 28.99 -25.04 -45.06
CA SER B 79 29.07 -26.08 -44.05
CA SER B 79 29.09 -26.07 -44.04
C SER B 79 28.18 -25.74 -42.86
N SER B 80 28.15 -26.60 -41.85
CA SER B 80 27.29 -26.39 -40.70
C SER B 80 28.07 -26.37 -39.40
N VAL B 81 27.47 -25.78 -38.37
CA VAL B 81 28.07 -25.83 -37.03
C VAL B 81 26.98 -26.21 -36.05
N ASN B 82 27.19 -27.30 -35.32
CA ASN B 82 26.27 -27.64 -34.26
C ASN B 82 24.84 -27.74 -34.81
N GLY B 83 24.72 -28.23 -36.05
CA GLY B 83 23.42 -28.40 -36.68
C GLY B 83 22.86 -27.17 -37.38
N TYR B 84 23.48 -26.02 -37.14
CA TYR B 84 23.04 -24.77 -37.77
C TYR B 84 23.73 -24.61 -39.12
N GLN B 85 23.06 -23.88 -40.03
CA GLN B 85 23.65 -23.50 -41.32
C GLN B 85 23.48 -22.01 -41.55
N ARG B 86 23.98 -21.51 -42.67
CA ARG B 86 23.92 -20.08 -42.95
C ARG B 86 22.51 -19.53 -42.73
N ALA B 87 21.51 -20.26 -43.24
CA ALA B 87 20.13 -19.77 -43.23
C ALA B 87 19.39 -19.95 -41.90
N THR B 88 19.92 -20.76 -41.01
CA THR B 88 19.16 -21.13 -39.80
C THR B 88 19.82 -20.71 -38.49
N ALA B 89 21.08 -20.29 -38.56
CA ALA B 89 21.83 -19.91 -37.37
C ALA B 89 21.16 -18.76 -36.60
N PRO B 90 21.10 -18.89 -35.27
CA PRO B 90 20.63 -17.80 -34.41
C PRO B 90 21.49 -16.56 -34.64
N ILE B 91 20.89 -15.38 -34.49
CA ILE B 91 21.65 -14.14 -34.54
C ILE B 91 21.67 -13.52 -33.14
N LEU B 92 22.80 -13.63 -32.46
CA LEU B 92 22.96 -13.04 -31.14
C LEU B 92 23.25 -11.57 -31.31
N MET B 93 22.50 -10.73 -30.60
CA MET B 93 22.76 -9.29 -30.63
C MET B 93 23.04 -8.75 -29.23
N PRO B 94 24.31 -8.89 -28.80
CA PRO B 94 24.74 -8.45 -27.47
C PRO B 94 25.01 -6.95 -27.51
N ASN B 95 24.96 -6.30 -26.36
CA ASN B 95 25.35 -4.90 -26.33
C ASN B 95 26.32 -4.67 -25.18
N THR B 96 27.02 -3.55 -25.22
CA THR B 96 28.02 -3.22 -24.22
C THR B 96 27.55 -2.10 -23.31
N VAL B 97 26.26 -1.83 -23.33
CA VAL B 97 25.71 -0.77 -22.46
C VAL B 97 25.84 -1.10 -20.98
N GLY B 98 26.45 -0.19 -20.24
CA GLY B 98 26.48 -0.25 -18.78
C GLY B 98 26.30 1.15 -18.24
N GLY B 99 25.61 1.28 -17.11
CA GLY B 99 25.43 2.56 -16.47
C GLY B 99 24.59 3.52 -17.30
N TYR B 100 23.90 2.98 -18.29
CA TYR B 100 23.19 3.80 -19.28
C TYR B 100 24.14 4.75 -19.99
N LEU B 101 25.41 4.36 -20.07
CA LEU B 101 26.44 5.08 -20.81
C LEU B 101 26.47 4.52 -22.23
N PRO B 102 27.19 5.20 -23.14
CA PRO B 102 27.30 4.68 -24.51
C PRO B 102 27.95 3.30 -24.52
N GLY B 103 27.48 2.40 -25.39
CA GLY B 103 28.09 1.09 -25.52
C GLY B 103 28.63 0.87 -26.93
N PRO B 104 29.96 0.94 -27.09
CA PRO B 104 30.58 0.81 -28.42
C PRO B 104 30.28 -0.53 -29.09
N ALA B 105 30.28 -0.55 -30.42
CA ALA B 105 30.17 -1.81 -31.16
C ALA B 105 31.26 -2.77 -30.69
N ASP B 106 30.88 -4.00 -30.33
CA ASP B 106 31.80 -5.00 -29.81
C ASP B 106 32.46 -5.86 -30.91
N ASP B 107 33.42 -6.68 -30.51
CA ASP B 107 34.35 -7.27 -31.47
C ASP B 107 35.09 -8.42 -30.75
N PRO B 108 35.19 -9.60 -31.37
CA PRO B 108 35.93 -10.67 -30.69
C PRO B 108 37.42 -10.30 -30.52
N GLN B 109 37.89 -9.30 -31.24
CA GLN B 109 39.27 -8.86 -31.10
C GLN B 109 39.42 -7.73 -30.07
N ARG B 110 38.31 -7.21 -29.56
CA ARG B 110 38.33 -6.05 -28.67
C ARG B 110 38.93 -6.40 -27.31
N VAL B 111 39.85 -5.56 -26.83
CA VAL B 111 40.46 -5.74 -25.52
C VAL B 111 40.19 -4.52 -24.66
N THR B 112 39.54 -3.52 -25.25
CA THR B 112 39.26 -2.27 -24.55
C THR B 112 37.93 -2.30 -23.80
N TRP B 113 37.87 -1.68 -22.62
CA TRP B 113 36.66 -1.69 -21.79
C TRP B 113 35.69 -0.63 -22.24
N PRO B 114 34.44 -0.97 -22.41
CA PRO B 114 33.78 -2.23 -22.06
C PRO B 114 33.73 -3.18 -23.24
N THR B 115 33.77 -4.47 -22.97
CA THR B 115 33.70 -5.47 -24.02
C THR B 115 33.23 -6.82 -23.47
N ASN B 116 32.51 -7.55 -24.32
CA ASN B 116 32.16 -8.93 -24.04
C ASN B 116 32.75 -9.82 -25.14
N ALA B 117 33.98 -9.52 -25.52
CA ALA B 117 34.63 -10.22 -26.62
C ALA B 117 34.64 -11.74 -26.43
N GLY B 118 34.82 -12.18 -25.20
CA GLY B 118 34.87 -13.61 -24.90
C GLY B 118 33.56 -14.29 -25.22
N THR B 119 32.45 -13.63 -24.90
CA THR B 119 31.14 -14.17 -25.21
C THR B 119 30.94 -14.27 -26.73
N ILE B 120 31.38 -13.26 -27.45
CA ILE B 120 31.28 -13.27 -28.90
C ILE B 120 32.10 -14.44 -29.46
N GLN B 121 33.30 -14.62 -28.94
CA GLN B 121 34.16 -15.71 -29.37
C GLN B 121 33.43 -17.03 -29.19
N GLN B 122 32.86 -17.23 -28.01
CA GLN B 122 32.17 -18.47 -27.71
C GLN B 122 30.90 -18.65 -28.54
N ALA B 123 30.19 -17.56 -28.81
CA ALA B 123 28.99 -17.64 -29.65
C ALA B 123 29.35 -18.10 -31.05
N LEU B 124 30.42 -17.53 -31.58
CA LEU B 124 30.88 -17.89 -32.92
C LEU B 124 31.22 -19.38 -32.97
N LYS B 125 31.90 -19.85 -31.94
CA LYS B 125 32.27 -21.26 -31.86
C LYS B 125 31.02 -22.15 -31.78
N ARG B 126 29.99 -21.64 -31.10
CA ARG B 126 28.75 -22.37 -30.92
C ARG B 126 27.92 -22.37 -32.21
N GLY B 127 28.30 -21.52 -33.16
CA GLY B 127 27.61 -21.45 -34.44
C GLY B 127 26.59 -20.34 -34.57
N TYR B 128 26.61 -19.37 -33.67
CA TYR B 128 25.70 -18.24 -33.79
C TYR B 128 26.34 -17.13 -34.62
N VAL B 129 25.54 -16.46 -35.44
CA VAL B 129 25.99 -15.22 -36.06
C VAL B 129 25.89 -14.14 -34.98
N VAL B 130 26.83 -13.20 -34.98
CA VAL B 130 26.79 -12.13 -33.98
C VAL B 130 26.76 -10.77 -34.65
N VAL B 131 25.73 -9.99 -34.32
CA VAL B 131 25.66 -8.62 -34.78
C VAL B 131 25.75 -7.71 -33.56
N ALA B 132 26.87 -7.01 -33.45
CA ALA B 132 27.16 -6.20 -32.27
C ALA B 132 27.07 -4.72 -32.62
N ALA B 133 26.03 -4.07 -32.11
CA ALA B 133 25.72 -2.70 -32.45
C ALA B 133 26.25 -1.73 -31.41
N GLY B 134 26.75 -0.58 -31.87
CA GLY B 134 27.09 0.53 -30.99
C GLY B 134 25.83 1.28 -30.62
N ILE B 135 25.74 1.71 -29.37
CA ILE B 135 24.52 2.31 -28.84
C ILE B 135 24.85 3.60 -28.12
N ARG B 136 24.16 4.68 -28.49
CA ARG B 136 24.33 5.96 -27.79
C ARG B 136 23.95 5.84 -26.32
N GLY B 137 24.53 6.69 -25.49
CA GLY B 137 24.24 6.72 -24.08
C GLY B 137 24.17 8.13 -23.54
N ARG B 138 23.94 8.25 -22.24
CA ARG B 138 23.61 9.54 -21.65
C ARG B 138 24.69 10.61 -21.80
N THR B 139 25.93 10.20 -22.04
CA THR B 139 27.04 11.15 -22.17
C THR B 139 27.38 11.48 -23.62
N THR B 140 26.68 10.85 -24.55
CA THR B 140 26.98 11.04 -25.96
C THR B 140 26.67 12.47 -26.39
N VAL B 141 27.67 13.17 -26.91
CA VAL B 141 27.50 14.54 -27.39
C VAL B 141 28.03 14.62 -28.81
N ASP B 142 27.48 15.53 -29.60
CA ASP B 142 27.99 15.74 -30.96
C ASP B 142 29.16 16.71 -30.92
N LYS B 143 29.58 17.21 -32.07
CA LYS B 143 30.76 18.06 -32.13
C LYS B 143 30.68 19.36 -31.32
N SER B 144 29.49 19.95 -31.23
CA SER B 144 29.34 21.20 -30.49
C SER B 144 29.31 20.94 -28.98
N GLY B 145 29.12 19.68 -28.61
CA GLY B 145 29.02 19.31 -27.21
C GLY B 145 27.59 19.17 -26.73
N GLN B 146 26.64 19.15 -27.67
CA GLN B 146 25.23 19.01 -27.32
C GLN B 146 24.84 17.55 -27.10
N ARG B 147 24.05 17.29 -26.07
CA ARG B 147 23.68 15.91 -25.72
C ARG B 147 22.69 15.28 -26.71
N VAL B 148 23.01 14.09 -27.22
CA VAL B 148 22.12 13.42 -28.16
C VAL B 148 21.93 11.95 -27.79
N GLY B 149 22.23 11.58 -26.55
CA GLY B 149 22.19 10.18 -26.16
C GLY B 149 21.34 9.85 -24.93
N GLN B 150 20.59 10.82 -24.43
CA GLN B 150 19.71 10.55 -23.29
C GLN B 150 18.46 9.79 -23.74
N ALA B 151 17.66 9.31 -22.80
CA ALA B 151 16.49 8.49 -23.13
C ALA B 151 15.60 9.19 -24.16
N PRO B 152 15.06 8.43 -25.13
CA PRO B 152 15.16 6.98 -25.29
C PRO B 152 16.22 6.55 -26.32
N ALA B 153 17.30 7.32 -26.47
CA ALA B 153 18.31 7.02 -27.48
C ALA B 153 18.78 5.56 -27.45
N PHE B 154 19.00 5.02 -26.25
CA PHE B 154 19.59 3.69 -26.15
C PHE B 154 18.75 2.64 -26.84
N ILE B 155 17.44 2.69 -26.63
CA ILE B 155 16.55 1.68 -27.18
C ILE B 155 16.25 1.97 -28.65
N VAL B 156 16.25 3.24 -29.02
CA VAL B 156 16.09 3.63 -30.42
C VAL B 156 17.22 3.05 -31.26
N ASP B 157 18.45 3.17 -30.78
CA ASP B 157 19.57 2.58 -31.50
C ASP B 157 19.45 1.06 -31.61
N MET B 158 19.12 0.41 -30.49
CA MET B 158 18.98 -1.03 -30.47
C MET B 158 17.95 -1.48 -31.51
N LYS B 159 16.81 -0.80 -31.55
CA LYS B 159 15.77 -1.09 -32.52
C LYS B 159 16.22 -0.85 -33.96
N ALA B 160 16.95 0.25 -34.18
CA ALA B 160 17.44 0.52 -35.53
C ALA B 160 18.38 -0.59 -35.99
N ALA B 161 19.26 -1.04 -35.09
CA ALA B 161 20.15 -2.15 -35.39
C ALA B 161 19.35 -3.40 -35.75
N ILE B 162 18.32 -3.70 -34.97
CA ILE B 162 17.47 -4.84 -35.28
C ILE B 162 16.84 -4.67 -36.66
N ARG B 163 16.37 -3.46 -36.94
CA ARG B 163 15.68 -3.23 -38.22
C ARG B 163 16.66 -3.45 -39.36
N TYR B 164 17.90 -3.03 -39.15
CA TYR B 164 18.92 -3.25 -40.18
C TYR B 164 19.09 -4.74 -40.43
N VAL B 165 19.16 -5.53 -39.37
CA VAL B 165 19.36 -6.96 -39.53
C VAL B 165 18.17 -7.59 -40.26
N LYS B 166 16.96 -7.23 -39.85
CA LYS B 166 15.77 -7.87 -40.42
C LYS B 166 15.53 -7.40 -41.86
N TYR B 167 15.85 -6.15 -42.16
CA TYR B 167 15.81 -5.62 -43.52
C TYR B 167 16.73 -6.44 -44.41
N ASN B 168 17.87 -6.85 -43.85
CA ASN B 168 18.86 -7.59 -44.63
C ASN B 168 18.79 -9.11 -44.49
N GLN B 169 17.63 -9.61 -44.07
CA GLN B 169 17.42 -11.04 -43.96
C GLN B 169 17.89 -11.73 -45.23
N GLY B 170 18.66 -12.79 -45.09
CA GLY B 170 19.09 -13.52 -46.26
C GLY B 170 20.41 -13.02 -46.80
N ARG B 171 20.57 -11.70 -46.92
CA ARG B 171 21.86 -11.14 -47.32
C ARG B 171 22.85 -11.31 -46.18
N LEU B 172 22.42 -10.97 -44.97
CA LEU B 172 23.17 -11.32 -43.77
C LEU B 172 23.01 -12.81 -43.49
N PRO B 173 24.12 -13.51 -43.22
CA PRO B 173 24.02 -14.89 -42.74
C PRO B 173 23.24 -14.93 -41.43
N GLY B 174 22.61 -16.06 -41.15
CA GLY B 174 21.83 -16.20 -39.94
C GLY B 174 20.35 -16.04 -40.21
N ASP B 175 19.53 -16.45 -39.26
CA ASP B 175 18.08 -16.37 -39.39
C ASP B 175 17.58 -15.11 -38.66
N ALA B 176 17.09 -14.15 -39.44
CA ALA B 176 16.61 -12.87 -38.89
C ALA B 176 15.37 -13.06 -38.03
N ASN B 177 14.78 -14.25 -38.11
CA ASN B 177 13.64 -14.57 -37.23
C ASN B 177 14.07 -15.27 -35.95
N ARG B 178 15.39 -15.34 -35.74
CA ARG B 178 15.97 -15.88 -34.51
C ARG B 178 16.97 -14.91 -33.90
N ILE B 179 16.59 -13.65 -33.78
CA ILE B 179 17.42 -12.67 -33.11
C ILE B 179 17.24 -12.80 -31.59
N ILE B 180 18.36 -12.99 -30.90
CA ILE B 180 18.37 -13.08 -29.45
C ILE B 180 19.22 -11.94 -28.94
N THR B 181 18.61 -11.03 -28.19
CA THR B 181 19.38 -9.94 -27.61
C THR B 181 20.05 -10.40 -26.33
N ASN B 182 21.19 -9.79 -26.00
CA ASN B 182 21.86 -10.08 -24.73
C ASN B 182 22.45 -8.80 -24.16
N GLY B 183 22.50 -8.71 -22.85
CA GLY B 183 23.06 -7.54 -22.21
C GLY B 183 23.08 -7.68 -20.70
N THR B 184 23.94 -6.87 -20.07
CA THR B 184 24.10 -6.88 -18.63
C THR B 184 23.75 -5.53 -18.02
N SER B 185 23.02 -5.59 -16.90
CA SER B 185 22.64 -4.40 -16.16
CA SER B 185 22.64 -4.40 -16.15
C SER B 185 21.83 -3.43 -17.01
N ALA B 186 22.35 -2.21 -17.23
CA ALA B 186 21.61 -1.30 -18.10
C ALA B 186 21.47 -1.95 -19.48
N GLY B 187 22.48 -2.74 -19.85
CA GLY B 187 22.42 -3.49 -21.10
C GLY B 187 21.36 -4.58 -21.03
N GLY B 188 21.14 -5.11 -19.82
CA GLY B 188 20.10 -6.10 -19.61
C GLY B 188 18.73 -5.46 -19.78
N ALA B 189 18.59 -4.22 -19.30
CA ALA B 189 17.35 -3.48 -19.49
C ALA B 189 17.10 -3.24 -20.98
N THR B 190 18.17 -2.97 -21.70
CA THR B 190 18.09 -2.72 -23.14
C THR B 190 17.58 -3.96 -23.84
N SER B 191 18.15 -5.10 -23.47
CA SER B 191 17.75 -6.37 -24.06
C SER B 191 16.29 -6.63 -23.74
N ALA B 192 15.92 -6.49 -22.47
CA ALA B 192 14.55 -6.76 -22.05
C ALA B 192 13.60 -5.83 -22.77
N LEU B 193 14.00 -4.57 -22.89
CA LEU B 193 13.13 -3.60 -23.52
C LEU B 193 12.91 -3.92 -25.00
N ALA B 194 13.97 -4.35 -25.70
CA ALA B 194 13.83 -4.72 -27.10
C ALA B 194 12.83 -5.88 -27.24
N GLY B 195 12.89 -6.80 -26.28
CA GLY B 195 11.99 -7.94 -26.30
C GLY B 195 10.56 -7.57 -25.97
N ALA B 196 10.39 -6.58 -25.09
CA ALA B 196 9.05 -6.22 -24.64
C ALA B 196 8.30 -5.31 -25.61
N SER B 197 9.04 -4.48 -26.34
CA SER B 197 8.41 -3.34 -27.03
C SER B 197 8.42 -3.46 -28.55
N GLY B 198 8.48 -4.69 -29.07
CA GLY B 198 8.57 -4.88 -30.52
C GLY B 198 7.55 -4.10 -31.32
N ASN B 199 8.02 -3.28 -32.26
CA ASN B 199 7.14 -2.56 -33.17
C ASN B 199 6.20 -1.53 -32.52
N SER B 200 6.56 -1.10 -31.32
CA SER B 200 5.80 -0.06 -30.64
C SER B 200 5.81 1.27 -31.40
N ALA B 201 4.64 1.86 -31.59
CA ALA B 201 4.55 3.08 -32.40
C ALA B 201 5.21 4.25 -31.70
N TYR B 202 5.42 4.12 -30.39
CA TYR B 202 6.05 5.20 -29.63
C TYR B 202 7.39 5.63 -30.25
N PHE B 203 8.13 4.67 -30.78
CA PHE B 203 9.49 4.95 -31.23
C PHE B 203 9.57 5.29 -32.72
N GLU B 204 8.44 5.25 -33.40
CA GLU B 204 8.46 5.42 -34.86
C GLU B 204 9.03 6.79 -35.29
N PRO B 205 8.63 7.87 -34.62
CA PRO B 205 9.19 9.18 -34.96
C PRO B 205 10.71 9.25 -34.84
N ALA B 206 11.27 8.72 -33.75
CA ALA B 206 12.72 8.74 -33.57
C ALA B 206 13.40 7.91 -34.68
N LEU B 207 12.84 6.73 -34.95
CA LEU B 207 13.43 5.84 -35.96
C LEU B 207 13.33 6.47 -37.35
N THR B 208 12.21 7.13 -37.61
CA THR B 208 12.04 7.82 -38.89
C THR B 208 13.06 8.94 -39.05
N ALA B 209 13.27 9.72 -37.99
CA ALA B 209 14.23 10.82 -38.03
C ALA B 209 15.68 10.34 -38.24
N LEU B 210 15.99 9.14 -37.75
CA LEU B 210 17.32 8.55 -37.94
C LEU B 210 17.49 7.99 -39.35
N GLY B 211 16.39 7.74 -40.03
CA GLY B 211 16.43 7.06 -41.31
C GLY B 211 16.78 5.58 -41.12
N ALA B 212 16.09 4.94 -40.19
CA ALA B 212 16.31 3.53 -39.94
C ALA B 212 15.70 2.67 -41.05
N ALA B 213 16.18 1.43 -41.16
CA ALA B 213 15.74 0.53 -42.22
C ALA B 213 14.27 0.18 -42.08
N PRO B 214 13.58 -0.01 -43.22
CA PRO B 214 12.13 -0.28 -43.21
C PRO B 214 11.87 -1.77 -42.98
N ALA B 215 11.93 -2.15 -41.72
CA ALA B 215 11.66 -3.51 -41.32
C ALA B 215 11.12 -3.44 -39.92
N THR B 216 10.66 -4.57 -39.40
CA THR B 216 10.18 -4.63 -38.02
C THR B 216 11.35 -4.76 -37.03
N ASP B 217 11.06 -4.60 -35.74
CA ASP B 217 12.09 -4.71 -34.71
C ASP B 217 11.73 -5.64 -33.54
N ASP B 218 10.67 -6.42 -33.69
CA ASP B 218 10.39 -7.45 -32.70
C ASP B 218 11.42 -8.55 -32.85
N ILE B 219 11.78 -9.17 -31.74
CA ILE B 219 12.82 -10.19 -31.75
C ILE B 219 12.32 -11.53 -31.22
N PHE B 220 13.16 -12.55 -31.38
CA PHE B 220 12.81 -13.94 -31.06
C PHE B 220 12.94 -14.25 -29.57
N ALA B 221 14.07 -13.88 -28.97
CA ALA B 221 14.30 -14.23 -27.57
C ALA B 221 15.11 -13.18 -26.85
N VAL B 222 14.95 -13.13 -25.53
CA VAL B 222 15.68 -12.18 -24.69
C VAL B 222 16.57 -12.90 -23.69
N SER B 223 17.86 -12.53 -23.68
CA SER B 223 18.72 -12.86 -22.56
C SER B 223 19.03 -11.56 -21.82
N ALA B 224 18.82 -11.53 -20.51
CA ALA B 224 19.12 -10.33 -19.75
C ALA B 224 19.72 -10.68 -18.41
N TYR B 225 20.87 -10.09 -18.12
CA TYR B 225 21.51 -10.22 -16.81
C TYR B 225 21.24 -8.96 -16.01
N CYS B 226 20.83 -9.17 -14.75
CA CYS B 226 20.51 -8.07 -13.81
CA CYS B 226 20.52 -8.07 -13.81
C CYS B 226 19.98 -6.81 -14.47
N PRO B 227 18.88 -6.94 -15.23
CA PRO B 227 18.32 -5.77 -15.92
C PRO B 227 17.93 -4.64 -14.96
N ILE B 228 18.57 -3.48 -15.09
CA ILE B 228 18.27 -2.34 -14.23
C ILE B 228 17.16 -1.54 -14.90
N HIS B 229 15.93 -1.85 -14.51
CA HIS B 229 14.73 -1.37 -15.19
C HIS B 229 13.64 -1.09 -14.16
N ASN B 230 12.48 -0.69 -14.64
CA ASN B 230 11.40 -0.28 -13.76
C ASN B 230 11.91 0.82 -12.84
N LEU B 231 12.61 1.79 -13.43
CA LEU B 231 13.34 2.80 -12.68
C LEU B 231 12.45 3.63 -11.77
N GLU B 232 11.23 3.89 -12.23
CA GLU B 232 10.29 4.74 -11.50
C GLU B 232 9.66 4.07 -10.28
N HIS B 233 9.91 2.77 -10.10
CA HIS B 233 9.46 2.06 -8.88
C HIS B 233 10.63 1.45 -8.14
N ALA B 234 11.84 1.68 -8.62
CA ALA B 234 13.01 1.01 -8.05
C ALA B 234 13.38 1.55 -6.68
N ASP B 235 13.07 2.82 -6.42
CA ASP B 235 13.33 3.38 -5.09
C ASP B 235 12.46 2.70 -4.04
N MET B 236 11.18 2.51 -4.35
CA MET B 236 10.28 1.86 -3.41
C MET B 236 10.78 0.46 -3.14
N ALA B 237 11.09 -0.24 -4.23
CA ALA B 237 11.56 -1.61 -4.11
C ALA B 237 12.82 -1.67 -3.27
N TYR B 238 13.73 -0.74 -3.51
CA TYR B 238 15.02 -0.79 -2.79
C TYR B 238 14.82 -0.66 -1.28
N GLU B 239 13.94 0.25 -0.88
CA GLU B 239 13.70 0.47 0.54
C GLU B 239 12.89 -0.66 1.18
N TRP B 240 11.96 -1.23 0.40
CA TRP B 240 11.23 -2.39 0.91
C TRP B 240 12.27 -3.42 1.34
N GLN B 241 13.30 -3.58 0.50
CA GLN B 241 14.33 -4.58 0.75
C GLN B 241 15.29 -4.16 1.87
N PHE B 242 15.78 -2.92 1.83
CA PHE B 242 16.90 -2.54 2.70
C PHE B 242 16.57 -1.61 3.87
N ASN B 243 15.31 -1.26 4.06
CA ASN B 243 14.96 -0.45 5.22
C ASN B 243 15.42 -1.18 6.49
N GLY B 244 16.00 -0.45 7.43
CA GLY B 244 16.46 -1.03 8.67
C GLY B 244 17.95 -1.35 8.64
N ILE B 245 18.53 -1.33 7.45
CA ILE B 245 19.96 -1.48 7.28
C ILE B 245 20.51 -0.11 6.92
N ASN B 246 21.16 0.54 7.89
CA ASN B 246 21.47 1.95 7.79
C ASN B 246 22.88 2.33 7.33
N ASP B 247 23.75 1.34 7.15
CA ASP B 247 25.05 1.62 6.53
C ASP B 247 25.04 1.12 5.09
N TRP B 248 25.66 1.91 4.21
CA TRP B 248 25.74 1.50 2.80
C TRP B 248 27.19 1.38 2.36
N HIS B 249 27.41 0.54 1.36
CA HIS B 249 28.76 0.24 0.90
C HIS B 249 28.76 0.02 -0.60
N ARG B 250 29.54 0.82 -1.31
CA ARG B 250 29.62 0.72 -2.76
C ARG B 250 31.03 1.12 -3.22
N TYR B 251 31.15 1.60 -4.46
CA TYR B 251 32.46 1.96 -5.01
C TYR B 251 32.38 3.32 -5.69
N GLN B 252 33.53 3.98 -5.80
CA GLN B 252 33.60 5.24 -6.53
C GLN B 252 34.91 5.28 -7.30
N PRO B 253 34.95 6.05 -8.38
CA PRO B 253 36.13 6.03 -9.24
C PRO B 253 37.33 6.71 -8.58
N VAL B 254 38.50 6.19 -8.90
CA VAL B 254 39.78 6.79 -8.57
C VAL B 254 40.37 7.27 -9.88
N ALA B 255 40.99 8.45 -9.88
CA ALA B 255 41.62 8.95 -11.10
C ALA B 255 42.55 7.88 -11.70
N GLY B 256 42.53 7.76 -13.02
CA GLY B 256 43.36 6.78 -13.70
C GLY B 256 42.58 5.57 -14.15
N THR B 257 43.14 4.78 -15.05
CA THR B 257 42.50 3.57 -15.53
C THR B 257 43.45 2.38 -15.50
N THR B 258 42.88 1.18 -15.60
CA THR B 258 43.66 -0.03 -15.82
C THR B 258 44.15 -0.03 -17.26
N LYS B 259 44.95 -1.01 -17.62
CA LYS B 259 45.54 -1.07 -18.97
C LYS B 259 44.46 -1.07 -20.06
N ASN B 260 43.29 -1.60 -19.74
CA ASN B 260 42.22 -1.76 -20.71
C ASN B 260 41.29 -0.55 -20.81
N GLY B 261 41.62 0.51 -20.08
CA GLY B 261 40.81 1.73 -20.11
C GLY B 261 39.71 1.71 -19.07
N ARG B 262 39.58 0.61 -18.34
CA ARG B 262 38.67 0.54 -17.19
C ARG B 262 39.12 1.53 -16.13
N PRO B 263 38.24 2.42 -15.74
CA PRO B 263 38.54 3.35 -14.66
C PRO B 263 38.84 2.64 -13.35
N LYS B 264 39.80 3.16 -12.58
CA LYS B 264 40.12 2.61 -11.27
C LYS B 264 39.01 2.92 -10.27
N PHE B 265 38.91 2.12 -9.23
CA PHE B 265 37.86 2.34 -8.24
C PHE B 265 38.29 1.97 -6.82
N GLU B 266 37.55 2.48 -5.84
CA GLU B 266 37.82 2.19 -4.45
C GLU B 266 36.49 2.06 -3.71
N PRO B 267 36.47 1.29 -2.61
CA PRO B 267 35.24 1.21 -1.81
C PRO B 267 34.94 2.55 -1.15
N VAL B 268 33.65 2.83 -0.96
CA VAL B 268 33.23 4.02 -0.22
C VAL B 268 31.96 3.64 0.53
N SER B 269 31.85 4.11 1.77
CA SER B 269 30.75 3.72 2.63
C SER B 269 30.17 4.94 3.33
N GLY B 270 28.95 4.80 3.82
CA GLY B 270 28.34 5.90 4.54
C GLY B 270 27.23 5.41 5.43
N GLN B 271 26.61 6.35 6.14
CA GLN B 271 25.53 6.04 7.07
CA GLN B 271 25.52 6.03 7.05
C GLN B 271 24.32 6.86 6.68
N LEU B 272 23.15 6.24 6.62
CA LEU B 272 21.95 6.98 6.28
C LEU B 272 21.67 8.05 7.33
N THR B 273 21.39 9.27 6.89
CA THR B 273 21.04 10.37 7.79
C THR B 273 19.66 10.12 8.38
N VAL B 274 19.30 10.87 9.43
CA VAL B 274 17.94 10.79 9.95
C VAL B 274 16.90 11.08 8.85
N GLU B 275 17.20 12.03 7.97
CA GLU B 275 16.27 12.35 6.87
C GLU B 275 16.09 11.13 5.95
N GLU B 276 17.19 10.51 5.60
CA GLU B 276 17.16 9.35 4.70
C GLU B 276 16.43 8.17 5.31
N GLN B 277 16.61 7.95 6.62
CA GLN B 277 15.91 6.88 7.29
C GLN B 277 14.40 7.13 7.25
N ALA B 278 14.00 8.39 7.42
CA ALA B 278 12.59 8.73 7.35
C ALA B 278 12.03 8.53 5.93
N LEU B 279 12.76 9.00 4.92
CA LEU B 279 12.34 8.79 3.54
C LEU B 279 12.22 7.29 3.24
N SER B 280 13.17 6.52 3.75
CA SER B 280 13.18 5.07 3.54
C SER B 280 11.90 4.39 4.02
N LEU B 281 11.45 4.78 5.21
CA LEU B 281 10.28 4.13 5.77
C LEU B 281 9.07 4.37 4.90
N ALA B 282 8.95 5.57 4.37
CA ALA B 282 7.79 5.90 3.55
C ALA B 282 7.88 5.20 2.20
N LEU B 283 9.08 5.17 1.62
CA LEU B 283 9.26 4.49 0.34
C LEU B 283 8.90 3.01 0.47
N LYS B 284 9.36 2.38 1.55
CA LYS B 284 9.04 0.98 1.79
C LYS B 284 7.54 0.77 1.91
N ALA B 285 6.87 1.63 2.67
CA ALA B 285 5.42 1.50 2.80
C ALA B 285 4.75 1.59 1.44
N GLN B 286 5.18 2.55 0.62
CA GLN B 286 4.54 2.77 -0.67
C GLN B 286 4.75 1.57 -1.60
N PHE B 287 5.84 0.83 -1.42
CA PHE B 287 6.05 -0.36 -2.23
C PHE B 287 4.91 -1.37 -2.13
N SER B 288 4.36 -1.55 -0.94
CA SER B 288 3.27 -2.52 -0.79
C SER B 288 2.12 -2.22 -1.74
N THR B 289 1.73 -0.94 -1.79
CA THR B 289 0.62 -0.51 -2.65
C THR B 289 0.97 -0.72 -4.12
N TYR B 290 2.16 -0.31 -4.52
CA TYR B 290 2.60 -0.53 -5.90
C TYR B 290 2.57 -2.01 -6.27
N LEU B 291 3.20 -2.83 -5.44
CA LEU B 291 3.30 -4.27 -5.69
C LEU B 291 1.90 -4.91 -5.77
N ASN B 292 1.04 -4.58 -4.82
CA ASN B 292 -0.30 -5.16 -4.80
C ASN B 292 -1.14 -4.86 -6.03
N GLN B 293 -1.04 -3.63 -6.51
CA GLN B 293 -1.81 -3.19 -7.67
C GLN B 293 -1.37 -3.85 -8.98
N LEU B 294 -0.21 -4.50 -8.97
CA LEU B 294 0.23 -5.26 -10.14
C LEU B 294 -0.57 -6.54 -10.33
N LYS B 295 -1.22 -7.01 -9.27
CA LYS B 295 -2.04 -8.23 -9.31
C LYS B 295 -1.25 -9.46 -9.77
N LEU B 296 -0.04 -9.62 -9.25
CA LEU B 296 0.79 -10.77 -9.63
C LEU B 296 0.29 -12.07 -9.02
N THR B 297 0.45 -13.18 -9.75
CA THR B 297 0.10 -14.49 -9.22
C THR B 297 1.23 -15.50 -9.40
N ALA B 298 1.31 -16.45 -8.46
CA ALA B 298 2.17 -17.61 -8.62
C ALA B 298 1.58 -18.50 -9.71
N SER B 299 2.35 -19.45 -10.21
CA SER B 299 1.85 -20.28 -11.29
C SER B 299 0.63 -21.10 -10.88
N ASP B 300 0.52 -21.38 -9.57
CA ASP B 300 -0.65 -22.12 -9.08
C ASP B 300 -1.84 -21.21 -8.79
N GLY B 301 -1.72 -19.93 -9.13
CA GLY B 301 -2.84 -19.01 -8.98
C GLY B 301 -2.81 -18.19 -7.71
N THR B 302 -1.98 -18.59 -6.74
CA THR B 302 -1.87 -17.84 -5.50
C THR B 302 -1.55 -16.36 -5.73
N HIS B 303 -2.37 -15.48 -5.16
CA HIS B 303 -2.10 -14.05 -5.22
C HIS B 303 -0.82 -13.71 -4.47
N LEU B 304 0.04 -12.90 -5.09
CA LEU B 304 1.30 -12.50 -4.47
C LEU B 304 1.21 -11.05 -4.03
N THR B 305 1.14 -10.83 -2.71
CA THR B 305 0.83 -9.52 -2.18
C THR B 305 1.66 -9.23 -0.95
N LEU B 306 1.55 -8.00 -0.46
CA LEU B 306 2.24 -7.58 0.75
C LEU B 306 1.25 -6.83 1.62
N ASN B 307 1.39 -6.93 2.94
CA ASN B 307 0.59 -6.10 3.85
C ASN B 307 1.24 -4.74 4.12
N GLU B 308 0.60 -3.94 4.98
CA GLU B 308 1.11 -2.59 5.27
C GLU B 308 2.55 -2.61 5.75
N ALA B 309 2.95 -3.70 6.40
CA ALA B 309 4.30 -3.82 6.96
C ALA B 309 5.32 -4.42 5.99
N GLY B 310 4.87 -4.75 4.78
CA GLY B 310 5.78 -5.28 3.78
C GLY B 310 5.99 -6.78 3.87
N MET B 311 5.10 -7.46 4.59
CA MET B 311 5.19 -8.90 4.71
CA MET B 311 5.18 -8.91 4.74
C MET B 311 4.10 -9.56 3.89
N GLY B 312 4.31 -10.82 3.51
CA GLY B 312 3.28 -11.53 2.77
C GLY B 312 3.77 -12.52 1.73
N SER B 313 2.85 -12.99 0.90
CA SER B 313 3.15 -14.04 -0.06
C SER B 313 4.20 -13.61 -1.09
N PHE B 314 4.22 -12.32 -1.44
CA PHE B 314 5.26 -11.86 -2.35
C PHE B 314 6.64 -11.94 -1.71
N ARG B 315 6.74 -11.50 -0.46
CA ARG B 315 8.01 -11.61 0.28
C ARG B 315 8.44 -13.07 0.39
N ASP B 316 7.48 -13.95 0.60
CA ASP B 316 7.77 -15.38 0.69
C ASP B 316 8.35 -15.92 -0.62
N VAL B 317 7.89 -15.39 -1.74
CA VAL B 317 8.42 -15.81 -3.04
C VAL B 317 9.88 -15.37 -3.19
N VAL B 318 10.20 -14.18 -2.73
CA VAL B 318 11.57 -13.69 -2.78
C VAL B 318 12.48 -14.61 -1.96
N ARG B 319 12.04 -14.90 -0.74
CA ARG B 319 12.77 -15.81 0.15
C ARG B 319 12.98 -17.15 -0.51
N GLN B 320 11.91 -17.67 -1.10
CA GLN B 320 11.94 -19.01 -1.69
C GLN B 320 12.93 -19.10 -2.86
N LEU B 321 13.02 -18.03 -3.64
CA LEU B 321 14.01 -17.97 -4.73
C LEU B 321 15.44 -17.96 -4.19
N LEU B 322 15.65 -17.30 -3.06
CA LEU B 322 16.98 -17.32 -2.44
C LEU B 322 17.30 -18.67 -1.80
N ILE B 323 16.28 -19.30 -1.22
CA ILE B 323 16.46 -20.64 -0.68
C ILE B 323 16.79 -21.62 -1.81
N SER B 324 16.11 -21.47 -2.94
CA SER B 324 16.42 -22.32 -4.09
C SER B 324 17.85 -22.08 -4.57
N SER B 325 18.24 -20.82 -4.61
CA SER B 325 19.60 -20.46 -5.00
C SER B 325 20.62 -21.14 -4.09
N ALA B 326 20.37 -21.07 -2.78
CA ALA B 326 21.26 -21.70 -1.80
C ALA B 326 21.28 -23.21 -1.95
N GLN B 327 20.12 -23.82 -2.14
CA GLN B 327 20.05 -25.27 -2.27
C GLN B 327 20.86 -25.77 -3.46
N THR B 328 20.81 -25.01 -4.55
CA THR B 328 21.55 -25.39 -5.75
C THR B 328 23.06 -25.42 -5.48
N ALA B 329 23.57 -24.39 -4.82
CA ALA B 329 24.98 -24.32 -4.45
C ALA B 329 25.34 -25.37 -3.39
N PHE B 330 24.50 -25.50 -2.38
CA PHE B 330 24.68 -26.53 -1.36
C PHE B 330 24.85 -27.90 -2.02
N ASP B 331 24.00 -28.18 -3.00
CA ASP B 331 23.98 -29.48 -3.65
C ASP B 331 25.23 -29.72 -4.50
N GLN B 332 25.99 -28.66 -4.75
CA GLN B 332 27.27 -28.75 -5.48
C GLN B 332 28.43 -28.82 -4.51
N GLY B 333 28.12 -28.70 -3.22
CA GLY B 333 29.11 -28.83 -2.17
C GLY B 333 29.59 -27.51 -1.63
N THR B 334 28.94 -26.41 -2.02
CA THR B 334 29.33 -25.08 -1.56
C THR B 334 28.79 -24.80 -0.17
N ASP B 335 29.61 -24.17 0.68
CA ASP B 335 29.17 -23.81 2.03
C ASP B 335 28.40 -22.50 1.97
N ILE B 336 27.07 -22.62 2.02
CA ILE B 336 26.21 -21.46 1.85
C ILE B 336 26.22 -20.55 3.07
N HIS B 337 26.77 -21.05 4.18
CA HIS B 337 26.86 -20.24 5.39
C HIS B 337 27.91 -19.11 5.27
N LYS B 338 28.51 -19.01 4.09
CA LYS B 338 29.27 -17.83 3.70
C LYS B 338 28.47 -16.57 4.06
N TYR B 339 27.17 -16.62 3.82
CA TYR B 339 26.27 -15.53 4.17
C TYR B 339 25.36 -15.94 5.33
N ALA B 340 24.97 -14.96 6.14
CA ALA B 340 24.12 -15.24 7.30
C ALA B 340 22.69 -15.52 6.86
N GLY B 341 21.93 -16.22 7.69
CA GLY B 341 20.50 -16.33 7.49
C GLY B 341 19.92 -17.69 7.12
N PHE B 342 20.73 -18.54 6.48
CA PHE B 342 20.20 -19.81 5.99
C PHE B 342 20.11 -20.86 7.08
N VAL B 343 18.98 -21.55 7.13
CA VAL B 343 18.81 -22.68 8.02
C VAL B 343 18.95 -23.95 7.21
N VAL B 344 19.93 -24.78 7.57
CA VAL B 344 20.13 -26.06 6.95
C VAL B 344 19.69 -27.15 7.92
N THR B 345 18.81 -28.03 7.46
CA THR B 345 18.40 -29.18 8.27
C THR B 345 18.76 -30.43 7.48
N GLY B 346 19.63 -31.27 8.05
CA GLY B 346 20.13 -32.42 7.32
C GLY B 346 20.86 -31.93 6.08
N ASN B 347 20.35 -32.31 4.91
CA ASN B 347 20.95 -31.85 3.65
C ASN B 347 20.03 -30.93 2.85
N GLN B 348 19.14 -30.24 3.55
CA GLN B 348 18.18 -29.36 2.90
C GLN B 348 18.26 -27.96 3.49
N VAL B 349 18.21 -26.96 2.63
CA VAL B 349 18.09 -25.58 3.07
C VAL B 349 16.60 -25.40 3.33
N THR B 350 16.22 -25.38 4.60
CA THR B 350 14.81 -25.46 4.95
C THR B 350 14.16 -24.10 5.18
N ASP B 351 14.98 -23.07 5.40
CA ASP B 351 14.44 -21.75 5.65
C ASP B 351 15.51 -20.69 5.46
N LEU B 352 15.10 -19.43 5.56
CA LEU B 352 16.02 -18.30 5.40
C LEU B 352 15.49 -17.12 6.18
N ASP B 353 16.34 -16.54 7.02
CA ASP B 353 16.04 -15.28 7.69
C ASP B 353 16.44 -14.20 6.70
N LEU B 354 15.47 -13.72 5.94
CA LEU B 354 15.74 -12.77 4.85
C LEU B 354 16.40 -11.49 5.34
N SER B 355 15.92 -10.93 6.45
CA SER B 355 16.56 -9.73 6.96
C SER B 355 18.04 -9.95 7.30
N ALA B 356 18.36 -11.12 7.89
CA ALA B 356 19.73 -11.43 8.22
C ALA B 356 20.61 -11.58 6.96
N TYR B 357 20.07 -12.25 5.95
CA TYR B 357 20.81 -12.40 4.71
C TYR B 357 21.10 -11.04 4.09
N LEU B 358 20.09 -10.16 4.07
CA LEU B 358 20.29 -8.84 3.47
C LEU B 358 21.33 -8.02 4.22
N LYS B 359 21.33 -8.12 5.55
CA LYS B 359 22.32 -7.41 6.34
C LYS B 359 23.71 -7.97 6.04
N SER B 360 23.75 -9.28 5.77
CA SER B 360 24.99 -9.96 5.45
C SER B 360 25.52 -9.49 4.12
N LEU B 361 24.64 -9.41 3.12
CA LEU B 361 25.03 -8.91 1.79
C LEU B 361 25.52 -7.47 1.83
N THR B 362 24.82 -6.67 2.66
CA THR B 362 25.01 -5.22 2.79
CA THR B 362 25.00 -5.23 2.78
C THR B 362 24.16 -4.41 1.80
N ARG B 363 23.67 -3.28 2.29
CA ARG B 363 23.05 -2.28 1.44
C ARG B 363 24.13 -1.60 0.56
N MET B 364 23.85 -1.39 -0.72
CA MET B 364 24.78 -0.67 -1.60
C MET B 364 24.50 0.82 -1.71
N LYS B 365 23.25 1.19 -1.93
CA LYS B 365 22.93 2.58 -2.29
C LYS B 365 22.18 3.29 -1.16
N ALA B 366 22.27 4.63 -1.10
CA ALA B 366 21.54 5.40 -0.09
C ALA B 366 20.17 5.78 -0.63
N VAL B 367 19.49 6.73 0.01
CA VAL B 367 18.05 6.97 -0.21
C VAL B 367 17.78 8.37 -0.70
N PRO B 368 17.03 8.51 -1.83
CA PRO B 368 16.61 7.42 -2.72
C PRO B 368 17.80 6.82 -3.44
N ALA B 369 17.63 5.58 -3.88
CA ALA B 369 18.74 4.85 -4.47
C ALA B 369 18.86 5.19 -5.94
N PHE B 370 17.74 5.55 -6.57
CA PHE B 370 17.71 5.83 -8.01
C PHE B 370 17.38 7.28 -8.37
N ASP B 371 16.23 7.78 -7.93
CA ASP B 371 15.88 9.18 -8.20
C ASP B 371 16.43 10.06 -7.07
N GLN B 372 17.72 10.39 -7.15
CA GLN B 372 18.37 11.16 -6.08
C GLN B 372 17.81 12.58 -5.98
N LEU B 373 17.69 13.08 -4.76
CA LEU B 373 17.04 14.38 -4.57
C LEU B 373 17.84 15.49 -5.23
N ASP B 374 19.15 15.29 -5.36
CA ASP B 374 20.02 16.29 -5.96
C ASP B 374 20.36 16.01 -7.42
N LEU B 375 19.60 15.10 -8.04
CA LEU B 375 19.72 14.86 -9.48
C LEU B 375 21.07 14.30 -9.92
N THR B 376 21.79 13.63 -9.02
CA THR B 376 23.15 13.20 -9.33
C THR B 376 23.33 11.73 -9.72
N SER B 377 22.25 10.97 -9.88
CA SER B 377 22.39 9.55 -10.23
C SER B 377 22.48 9.35 -11.73
N PRO B 378 22.87 8.13 -12.16
CA PRO B 378 22.92 7.82 -13.58
C PRO B 378 21.52 7.90 -14.20
N GLU B 379 20.53 7.45 -13.46
CA GLU B 379 19.14 7.52 -13.92
C GLU B 379 18.64 8.96 -14.06
N ASN B 380 19.02 9.85 -13.15
CA ASN B 380 18.66 11.26 -13.28
C ASN B 380 19.17 11.82 -14.60
N ASN B 381 20.42 11.48 -14.93
CA ASN B 381 21.06 11.94 -16.16
C ASN B 381 20.45 11.26 -17.40
N LEU B 382 20.13 9.97 -17.28
CA LEU B 382 19.42 9.26 -18.35
C LEU B 382 18.15 10.00 -18.76
N PHE B 383 17.44 10.54 -17.78
CA PHE B 383 16.15 11.19 -18.02
C PHE B 383 16.26 12.69 -18.28
N GLY B 384 17.49 13.18 -18.40
CA GLY B 384 17.70 14.54 -18.87
C GLY B 384 17.47 14.62 -20.36
N ASP B 385 17.58 15.81 -20.92
CA ASP B 385 17.49 16.00 -22.37
C ASP B 385 18.44 17.11 -22.77
N ALA B 386 18.34 17.54 -24.04
CA ALA B 386 19.26 18.55 -24.57
C ALA B 386 19.25 19.85 -23.78
N THR B 387 18.15 20.13 -23.09
CA THR B 387 18.02 21.35 -22.30
C THR B 387 18.42 21.16 -20.83
N ALA B 388 17.90 20.12 -20.20
CA ALA B 388 18.20 19.87 -18.80
C ALA B 388 19.06 18.63 -18.64
N LYS B 389 20.24 18.77 -18.04
CA LYS B 389 21.15 17.63 -17.98
C LYS B 389 20.57 16.46 -17.19
N ALA B 390 19.75 16.76 -16.20
CA ALA B 390 19.17 15.71 -15.38
C ALA B 390 17.78 16.08 -14.94
N LYS B 391 16.95 15.08 -14.68
CA LYS B 391 15.56 15.28 -14.29
C LYS B 391 15.15 14.25 -13.28
N HIS B 392 14.05 14.52 -12.57
CA HIS B 392 13.45 13.51 -11.70
C HIS B 392 12.52 12.63 -12.54
N PHE B 393 12.15 11.48 -11.99
CA PHE B 393 11.28 10.57 -12.71
C PHE B 393 10.29 9.86 -11.76
N THR B 394 10.14 10.46 -10.57
CA THR B 394 9.18 9.99 -9.58
C THR B 394 8.56 11.20 -8.91
N ALA B 395 7.31 11.05 -8.48
CA ALA B 395 6.62 12.14 -7.79
C ALA B 395 7.33 12.48 -6.49
N LEU B 396 7.76 11.46 -5.77
CA LEU B 396 8.37 11.68 -4.47
C LEU B 396 9.64 12.55 -4.55
N ALA B 397 10.54 12.20 -5.47
CA ALA B 397 11.80 12.93 -5.57
C ALA B 397 11.61 14.33 -6.12
N GLN B 398 10.60 14.52 -6.95
CA GLN B 398 10.30 15.83 -7.48
C GLN B 398 9.82 16.72 -6.33
N THR B 399 8.93 16.18 -5.50
CA THR B 399 8.44 16.91 -4.34
C THR B 399 9.55 17.27 -3.38
N ARG B 400 10.47 16.35 -3.16
CA ARG B 400 11.51 16.52 -2.14
C ARG B 400 12.84 16.92 -2.76
N SER B 401 12.81 17.35 -4.01
CA SER B 401 14.04 17.71 -4.71
C SER B 401 14.80 18.74 -3.88
N THR B 402 16.13 18.62 -3.81
CA THR B 402 16.91 19.62 -3.08
C THR B 402 17.17 20.87 -3.92
N VAL B 403 17.03 20.72 -5.24
CA VAL B 403 17.18 21.85 -6.15
C VAL B 403 15.99 21.97 -7.08
N THR B 404 15.80 23.16 -7.63
CA THR B 404 14.76 23.36 -8.64
C THR B 404 14.96 22.36 -9.78
N ALA B 405 13.91 21.67 -10.16
CA ALA B 405 14.03 20.58 -11.12
C ALA B 405 12.72 20.34 -11.86
N GLN B 406 12.82 19.55 -12.92
CA GLN B 406 11.63 19.15 -13.68
CA GLN B 406 11.63 19.14 -13.67
C GLN B 406 11.49 17.63 -13.70
N LEU B 407 10.25 17.16 -13.87
CA LEU B 407 9.97 15.73 -13.98
C LEU B 407 9.98 15.32 -15.44
N ALA B 408 10.64 14.21 -15.74
CA ALA B 408 10.63 13.66 -17.07
C ALA B 408 9.19 13.38 -17.50
N ASP B 409 8.93 13.52 -18.80
CA ASP B 409 7.67 13.19 -19.43
C ASP B 409 7.18 11.79 -19.02
N ALA B 410 5.94 11.67 -18.54
CA ALA B 410 5.43 10.37 -18.08
C ALA B 410 5.39 9.30 -19.18
N GLU B 411 5.16 9.72 -20.42
CA GLU B 411 5.10 8.75 -21.51
C GLU B 411 6.47 8.16 -21.81
N LEU B 412 7.51 8.97 -21.65
CA LEU B 412 8.88 8.50 -21.87
C LEU B 412 9.30 7.51 -20.78
N ILE B 413 8.97 7.84 -19.54
CA ILE B 413 9.26 6.94 -18.43
C ILE B 413 8.59 5.59 -18.68
N GLN B 414 7.33 5.63 -19.08
CA GLN B 414 6.57 4.42 -19.35
C GLN B 414 7.18 3.66 -20.53
N ALA B 415 7.59 4.41 -21.55
CA ALA B 415 8.07 3.81 -22.79
C ALA B 415 9.36 2.99 -22.63
N ILE B 416 10.22 3.37 -21.69
CA ILE B 416 11.49 2.64 -21.54
C ILE B 416 11.44 1.60 -20.42
N ASN B 417 10.25 1.40 -19.85
CA ASN B 417 10.05 0.36 -18.85
C ASN B 417 9.47 -0.89 -19.49
N PRO B 418 10.24 -2.00 -19.54
CA PRO B 418 9.72 -3.20 -20.19
C PRO B 418 8.35 -3.64 -19.64
N LEU B 419 8.08 -3.42 -18.36
CA LEU B 419 6.82 -3.87 -17.78
C LEU B 419 5.61 -3.24 -18.48
N SER B 420 5.78 -2.04 -19.03
CA SER B 420 4.65 -1.29 -19.57
C SER B 420 3.95 -2.05 -20.70
N TYR B 421 4.69 -2.91 -21.38
CA TYR B 421 4.18 -3.58 -22.57
C TYR B 421 3.48 -4.90 -22.23
N LEU B 422 3.73 -5.41 -21.03
CA LEU B 422 3.25 -6.75 -20.68
C LEU B 422 1.77 -6.80 -20.34
N THR B 423 1.21 -5.67 -19.92
CA THR B 423 -0.20 -5.61 -19.56
C THR B 423 -1.04 -5.02 -20.69
N THR B 424 -0.42 -4.83 -21.85
CA THR B 424 -1.11 -4.24 -22.99
C THR B 424 -0.79 -4.97 -24.29
N THR B 425 -1.43 -4.54 -25.37
CA THR B 425 -1.07 -4.99 -26.70
C THR B 425 -0.71 -3.78 -27.54
N SER B 426 0.38 -3.12 -27.17
CA SER B 426 0.89 -1.99 -27.93
C SER B 426 2.14 -2.44 -28.64
N SER B 427 2.46 -3.73 -28.55
CA SER B 427 3.70 -4.22 -29.11
C SER B 427 3.65 -5.72 -29.36
N GLN B 428 4.67 -6.22 -30.04
CA GLN B 428 4.87 -7.65 -30.22
C GLN B 428 5.95 -8.10 -29.27
N VAL B 429 5.57 -8.90 -28.29
CA VAL B 429 6.50 -9.32 -27.25
C VAL B 429 7.17 -10.65 -27.61
N ALA B 430 8.50 -10.70 -27.46
CA ALA B 430 9.24 -11.94 -27.68
C ALA B 430 8.66 -13.04 -26.81
N LYS B 431 8.67 -14.27 -27.32
CA LYS B 431 8.02 -15.37 -26.62
C LYS B 431 8.93 -16.12 -25.66
N HIS B 432 10.24 -15.88 -25.76
CA HIS B 432 11.22 -16.63 -24.99
C HIS B 432 12.16 -15.71 -24.21
N TRP B 433 12.18 -15.88 -22.89
CA TRP B 433 12.95 -15.01 -22.01
C TRP B 433 13.83 -15.84 -21.07
N ARG B 434 15.05 -15.36 -20.87
CA ARG B 434 15.96 -15.96 -19.90
C ARG B 434 16.59 -14.83 -19.11
N ILE B 435 16.26 -14.78 -17.83
CA ILE B 435 16.67 -13.69 -16.96
C ILE B 435 17.44 -14.20 -15.76
N ARG B 436 18.58 -13.57 -15.48
CA ARG B 436 19.36 -13.90 -14.29
C ARG B 436 19.67 -12.63 -13.51
N HIS B 437 19.63 -12.73 -12.19
CA HIS B 437 20.09 -11.63 -11.35
C HIS B 437 20.83 -12.28 -10.18
N GLY B 438 22.09 -11.91 -9.99
CA GLY B 438 22.92 -12.58 -8.99
C GLY B 438 22.37 -12.46 -7.58
N ALA B 439 22.46 -13.56 -6.82
CA ALA B 439 21.99 -13.55 -5.43
C ALA B 439 22.79 -12.61 -4.53
N ALA B 440 23.95 -12.17 -4.99
CA ALA B 440 24.74 -11.18 -4.25
C ALA B 440 24.75 -9.81 -4.92
N ASP B 441 23.86 -9.61 -5.89
CA ASP B 441 23.78 -8.34 -6.62
C ASP B 441 22.81 -7.40 -5.89
N ARG B 442 23.35 -6.29 -5.39
CA ARG B 442 22.56 -5.31 -4.65
C ARG B 442 22.33 -4.01 -5.41
N ASP B 443 22.55 -4.01 -6.73
CA ASP B 443 22.39 -2.77 -7.49
C ASP B 443 20.94 -2.35 -7.60
N THR B 444 20.05 -3.33 -7.51
CA THR B 444 18.62 -3.06 -7.44
C THR B 444 18.01 -4.19 -6.60
N SER B 445 16.84 -3.95 -6.03
CA SER B 445 16.18 -4.97 -5.21
C SER B 445 15.90 -6.23 -6.01
N PHE B 446 16.02 -7.41 -5.37
CA PHE B 446 15.61 -8.66 -6.01
C PHE B 446 14.16 -8.59 -6.50
N ALA B 447 13.36 -7.73 -5.89
CA ALA B 447 11.95 -7.66 -6.29
C ALA B 447 11.81 -7.17 -7.73
N ILE B 448 12.79 -6.41 -8.21
CA ILE B 448 12.70 -5.85 -9.56
C ILE B 448 12.74 -6.95 -10.66
N PRO B 449 13.81 -7.78 -10.68
CA PRO B 449 13.79 -8.85 -11.68
C PRO B 449 12.68 -9.87 -11.43
N ILE B 450 12.32 -10.08 -10.17
CA ILE B 450 11.27 -11.04 -9.86
C ILE B 450 9.92 -10.59 -10.42
N ILE B 451 9.60 -9.32 -10.24
CA ILE B 451 8.39 -8.75 -10.85
C ILE B 451 8.35 -8.96 -12.37
N LEU B 452 9.46 -8.66 -13.05
CA LEU B 452 9.54 -8.88 -14.49
C LEU B 452 9.26 -10.36 -14.81
N ALA B 453 9.95 -11.26 -14.12
CA ALA B 453 9.79 -12.69 -14.37
C ALA B 453 8.35 -13.17 -14.14
N ILE B 454 7.75 -12.74 -13.04
CA ILE B 454 6.37 -13.15 -12.75
C ILE B 454 5.38 -12.57 -13.75
N MET B 455 5.59 -11.31 -14.14
CA MET B 455 4.69 -10.69 -15.09
C MET B 455 4.78 -11.40 -16.45
N LEU B 456 5.99 -11.74 -16.87
CA LEU B 456 6.14 -12.51 -18.10
C LEU B 456 5.31 -13.79 -18.02
N GLU B 457 5.47 -14.56 -16.94
CA GLU B 457 4.72 -15.81 -16.83
C GLU B 457 3.20 -15.59 -16.78
N ASN B 458 2.77 -14.57 -16.05
CA ASN B 458 1.34 -14.28 -15.94
C ASN B 458 0.67 -13.99 -17.28
N HIS B 459 1.47 -13.52 -18.23
CA HIS B 459 0.93 -13.15 -19.54
C HIS B 459 1.28 -14.16 -20.64
N GLY B 460 1.78 -15.31 -20.21
CA GLY B 460 1.95 -16.44 -21.12
C GLY B 460 3.24 -16.43 -21.92
N TYR B 461 4.22 -15.62 -21.49
CA TYR B 461 5.53 -15.65 -22.13
C TYR B 461 6.44 -16.68 -21.48
N GLY B 462 7.28 -17.34 -22.30
CA GLY B 462 8.23 -18.30 -21.77
C GLY B 462 9.29 -17.59 -20.96
N ILE B 463 9.52 -18.02 -19.72
N ILE B 463 9.55 -18.08 -19.76
CA ILE B 463 10.51 -17.36 -18.85
CA ILE B 463 10.51 -17.42 -18.91
C ILE B 463 11.31 -18.36 -18.02
C ILE B 463 11.31 -18.40 -18.06
N ASP B 464 12.63 -18.30 -18.19
CA ASP B 464 13.58 -19.12 -17.45
C ASP B 464 14.28 -18.16 -16.50
N PHE B 465 13.96 -18.25 -15.21
CA PHE B 465 14.48 -17.29 -14.24
C PHE B 465 15.20 -17.92 -13.05
N ALA B 466 16.25 -17.26 -12.57
CA ALA B 466 16.94 -17.70 -11.35
C ALA B 466 17.81 -16.61 -10.74
N LEU B 467 18.10 -16.75 -9.44
CA LEU B 467 19.05 -15.88 -8.75
C LEU B 467 20.30 -16.70 -8.42
N PRO B 468 21.28 -16.73 -9.34
CA PRO B 468 22.45 -17.61 -9.15
C PRO B 468 23.23 -17.28 -7.88
N TRP B 469 23.52 -18.32 -7.10
CA TRP B 469 24.18 -18.17 -5.82
C TRP B 469 25.51 -17.39 -5.89
N ASP B 470 25.67 -16.43 -4.98
CA ASP B 470 26.92 -15.71 -4.77
C ASP B 470 27.46 -15.06 -6.04
N ILE B 471 26.56 -14.68 -6.94
CA ILE B 471 26.95 -13.97 -8.16
C ILE B 471 26.73 -12.48 -7.93
N PRO B 472 27.78 -11.68 -8.16
CA PRO B 472 27.66 -10.24 -7.95
C PRO B 472 27.06 -9.58 -9.17
N HIS B 473 27.04 -8.24 -9.17
CA HIS B 473 26.58 -7.48 -10.32
C HIS B 473 27.48 -7.76 -11.53
N SER B 474 26.96 -8.51 -12.50
CA SER B 474 27.76 -9.03 -13.61
C SER B 474 26.88 -9.78 -14.59
N GLY B 475 27.46 -10.28 -15.68
CA GLY B 475 26.72 -11.06 -16.65
C GLY B 475 27.57 -12.06 -17.40
N ASP B 476 26.94 -12.84 -18.27
CA ASP B 476 27.65 -13.76 -19.15
C ASP B 476 28.51 -14.78 -18.40
N TYR B 477 28.14 -15.12 -17.17
CA TYR B 477 28.95 -16.00 -16.33
C TYR B 477 28.51 -17.46 -16.44
N ASP B 478 27.47 -17.70 -17.24
CA ASP B 478 26.87 -19.01 -17.34
C ASP B 478 26.65 -19.39 -18.80
N LEU B 479 27.65 -19.17 -19.64
CA LEU B 479 27.43 -19.35 -21.09
C LEU B 479 27.01 -20.76 -21.50
N GLY B 480 27.47 -21.77 -20.78
CA GLY B 480 27.08 -23.14 -21.09
C GLY B 480 25.57 -23.31 -21.02
N ASP B 481 24.98 -22.79 -19.95
CA ASP B 481 23.54 -22.87 -19.76
C ASP B 481 22.77 -21.93 -20.70
N LEU B 482 23.30 -20.73 -20.92
CA LEU B 482 22.68 -19.79 -21.86
C LEU B 482 22.61 -20.40 -23.26
N PHE B 483 23.72 -20.95 -23.72
CA PHE B 483 23.76 -21.50 -25.07
C PHE B 483 22.89 -22.75 -25.21
N SER B 484 22.80 -23.52 -24.13
CA SER B 484 21.93 -24.69 -24.15
CA SER B 484 21.93 -24.69 -24.13
C SER B 484 20.47 -24.25 -24.27
N TRP B 485 20.14 -23.15 -23.59
CA TRP B 485 18.80 -22.61 -23.66
C TRP B 485 18.51 -22.13 -25.09
N ILE B 486 19.46 -21.41 -25.67
CA ILE B 486 19.31 -20.94 -27.04
C ILE B 486 19.13 -22.11 -28.01
N ASP B 487 20.00 -23.11 -27.91
CA ASP B 487 19.92 -24.27 -28.80
C ASP B 487 18.58 -24.98 -28.68
N GLY B 488 18.05 -25.04 -27.46
CA GLY B 488 16.77 -25.68 -27.22
C GLY B 488 15.63 -24.97 -27.94
N LEU B 489 15.77 -23.65 -28.10
CA LEU B 489 14.77 -22.85 -28.78
C LEU B 489 14.84 -23.00 -30.29
N CYS B 490 16.04 -23.27 -30.81
CA CYS B 490 16.32 -23.16 -32.23
C CYS B 490 16.57 -24.47 -32.96
N GLN B 491 16.31 -25.59 -32.31
CA GLN B 491 16.61 -26.85 -32.97
C GLN B 491 15.36 -27.69 -33.07
OAA GDE C . -15.37 12.06 22.85
OAB GDE C . -15.77 9.95 23.27
OAC GDE C . -11.43 7.66 22.29
OAD GDE C . -11.00 11.96 20.27
OAE GDE C . -9.96 9.42 20.78
CAF GDE C . -13.18 9.24 22.53
CAG GDE C . -12.96 11.41 21.53
CAH GDE C . -15.02 10.85 22.83
CAI GDE C . -11.94 8.90 22.02
CAJ GDE C . -11.72 11.06 21.01
CAK GDE C . -13.69 10.50 22.29
CAL GDE C . -11.19 9.80 21.27
O1 PG4 D . -12.61 -15.72 25.20
C1 PG4 D . -11.39 -15.22 25.67
C2 PG4 D . -11.43 -14.23 26.78
O2 PG4 D . -10.30 -13.55 27.16
C3 PG4 D . -9.04 -13.99 26.79
C4 PG4 D . -7.92 -13.88 27.77
O3 PG4 D . -6.68 -14.35 27.38
C5 PG4 D . -6.48 -15.71 27.21
C6 PG4 D . -5.84 -16.21 25.96
O4 PG4 D . -5.98 -17.56 25.69
C7 PG4 D . -7.05 -18.00 24.93
C8 PG4 D . -7.56 -19.41 25.11
O5 PG4 D . -8.14 -20.07 24.04
C1 PEG E . -6.94 14.46 1.79
O1 PEG E . -6.81 15.35 0.74
C2 PEG E . -5.95 13.34 1.88
O2 PEG E . -5.64 12.71 0.69
C3 PEG E . -4.53 11.91 0.64
C4 PEG E . -3.67 12.01 -0.58
O4 PEG E . -3.18 13.27 -0.88
C1 PEG F . -23.14 3.38 2.58
O1 PEG F . -24.41 3.85 2.36
C2 PEG F . -22.04 4.38 2.54
O2 PEG F . -22.06 5.26 1.48
C3 PEG F . -20.96 6.02 1.19
C4 PEG F . -20.78 6.30 -0.27
O4 PEG F . -20.47 5.23 -1.08
C1 PEG G . -10.34 13.32 -9.33
O1 PEG G . -11.39 12.62 -8.77
C2 PEG G . -9.23 13.72 -8.41
O2 PEG G . -8.92 15.06 -8.31
C3 PEG G . -7.83 15.46 -7.57
C4 PEG G . -8.07 16.11 -6.25
O4 PEG G . -7.49 17.35 -6.08
OAA GDE H . 24.74 -0.87 -15.90
OAB GDE H . 25.90 -1.57 -14.18
OAC GDE H . 21.39 2.32 -14.02
OAD GDE H . 23.52 0.36 -10.16
OAE GDE H . 21.64 2.08 -11.20
CAF GDE H . 23.13 0.72 -14.29
CAG GDE H . 24.21 -0.25 -12.38
CAH GDE H . 24.95 -0.91 -14.66
CAI GDE H . 22.32 1.47 -13.45
CAJ GDE H . 23.38 0.48 -11.54
CAK GDE H . 24.08 -0.13 -13.75
CAL GDE H . 22.44 1.35 -12.06
O1 PG4 I . 11.62 -11.20 -40.24
C1 PG4 I . 12.65 -10.88 -41.11
C2 PG4 I . 12.29 -10.13 -42.35
O2 PG4 I . 11.62 -10.85 -43.32
C3 PG4 I . 11.30 -10.26 -44.53
C4 PG4 I . 10.98 -11.21 -45.64
O3 PG4 I . 10.19 -12.28 -45.28
C5 PG4 I . 9.76 -13.15 -46.24
C6 PG4 I . 8.55 -13.95 -45.88
O4 PG4 I . 8.47 -14.48 -44.61
C7 PG4 I . 8.27 -15.85 -44.50
C8 PG4 I . 9.36 -16.66 -43.90
O5 PG4 I . 9.44 -16.75 -42.52
C1 PEG J . 9.26 -6.38 5.60
O1 PEG J . 9.98 -6.46 6.79
C2 PEG J . 10.03 -6.38 4.33
O2 PEG J . 10.93 -7.42 4.13
C3 PEG J . 11.94 -7.26 3.21
C4 PEG J . 13.10 -8.20 3.31
O4 PEG J . 13.43 -8.69 4.56
C1 PEG K . 8.81 -17.16 -8.67
O1 PEG K . 8.91 -18.52 -8.39
C2 PEG K . 9.48 -16.62 -9.88
O2 PEG K . 8.82 -16.77 -11.09
C3 PEG K . 9.54 -16.69 -12.26
C4 PEG K . 9.04 -17.44 -13.46
O4 PEG K . 9.56 -18.71 -13.62
C1 PEG L . 23.03 -35.24 6.02
O1 PEG L . 22.02 -36.03 5.51
C2 PEG L . 23.72 -34.33 5.07
O2 PEG L . 24.56 -33.37 5.59
C3 PEG L . 25.43 -32.70 4.76
C4 PEG L . 25.83 -33.44 3.52
O4 PEG L . 27.14 -33.38 3.09
C1 PEG M . -5.42 -19.45 -3.22
O1 PEG M . -5.81 -19.94 -1.99
C2 PEG M . -4.72 -20.38 -4.16
O2 PEG M . -5.13 -20.32 -5.48
C3 PEG M . -6.42 -19.87 -5.62
C4 PEG M . -7.01 -19.78 -6.99
O4 PEG M . -8.20 -19.10 -7.01
#